data_6YKK
#
_entry.id   6YKK
#
_cell.length_a   49.165
_cell.length_b   80.973
_cell.length_c   224.022
_cell.angle_alpha   90.000
_cell.angle_beta   90.000
_cell.angle_gamma   90.000
#
_symmetry.space_group_name_H-M   'P 21 21 21'
#
loop_
_entity.id
_entity.type
_entity.pdbx_description
1 polymer 'Leucine--tRNA ligase'
2 non-polymer '[(2~{R},3~{S},4~{R},5~{S})-3,4-bis(oxidanyl)-5-[2-(5-phenyl-1,2,3,4-tetrazol-2-yl)ethyl]oxolan-2-yl]methyl ~{N}-[(2~{S})-2-azanyl-4-methyl-pentanoyl]sulfamate'
3 non-polymer 1,2-ETHANEDIOL
4 non-polymer 'MAGNESIUM ION'
5 non-polymer 'ZINC ION'
6 water water
#
_entity_poly.entity_id   1
_entity_poly.type   'polypeptide(L)'
_entity_poly.pdbx_seq_one_letter_code
;GMQEHYQPAAIEPAAQKKWDDARISNVSEDASKPKYYCLSMFPYPSGKLHMGHVRNYTIGDVLSRFKLLNGFNVMQPMGW
DAFGMPAENAAMKNNVAPAAWTYDNIEYMKTQLKSLGFAVDWEREVATCKPEYYRWEQWLFTKLFEKGIVYRKNGTVNWD
PVDQTVLANEQVIDGRGWRSGALIEKREIPMYYFKITDYAEELLNDLDKLEHWPEQVKTMQRNWIGKSRGMTVRFAVSDD
SKQGLEGDYAKFLQVYTTRPDTLMGATYVAVAAEHPLATAAAADKPELQAFIAECKAGSVAEADMATMEKKGVPTGRYVV
NPLNGDKLEVWIANYVLWGYGDGAVMAVPAHDERDFEFAAKYNLPKKQVIAVGDNAFDANRWQEWYGDKENGVLVNSGDL
DGLDFQTAFDAVAAKLQSQGAGEPKTQYRLRDWGISRQRYWGCPIPIVHCEKCGNVPVPADQLPVVLPENVVPDGMGSPL
AKMPEFYETSCPCCGGAAKRETDTMDTFIESSWYFFRYMSPKFSDGMVSAESAKYWGAVDQYIGGIEHAILHLLYARFFT
KLMRDEGLVNVDEPFERLLTQGMVVCETYYRENDKGGKDWINPADVELTFDDKGRPVSAVLKADGLPVVISGTEKMSKSK
NNGVDPQELINAYGADTARLFMMFAAPPEQSLEWSDSGVEGAHRFLRRLWRTVYEYLKQGGAVKAFAGNQDGLSKELKDL
RHKLHSTTAKVSDDYGRRQQFNTAIAAVMELLNQYDKTDTGSEQGRAVAQEVLEAAVRLLWPIVPHICETLWSELNGAKL
WEAGWPTVDEAALVKSEIEVMVQVNGKLRGKITVAADASKADLEAAALANEGAVKFMEGKPAKKIIVVPGRLVNIVV
;
_entity_poly.pdbx_strand_id   A
#
# COMPACT_ATOMS: atom_id res chain seq x y z
N MET A 2 -10.45 29.08 34.32
CA MET A 2 -9.53 28.58 33.30
C MET A 2 -8.09 28.81 33.72
N GLN A 3 -7.30 27.72 33.73
CA GLN A 3 -5.89 27.84 34.09
C GLN A 3 -5.15 28.70 33.06
N GLU A 4 -4.23 29.52 33.57
CA GLU A 4 -3.50 30.44 32.69
C GLU A 4 -2.61 29.70 31.72
N HIS A 5 -2.06 28.56 32.11
CA HIS A 5 -1.03 27.88 31.34
C HIS A 5 -1.56 26.58 30.75
N TYR A 6 -1.13 26.29 29.53
CA TYR A 6 -1.51 25.08 28.82
C TYR A 6 -0.80 23.88 29.43
N GLN A 7 -1.58 22.90 29.90
CA GLN A 7 -1.04 21.68 30.49
C GLN A 7 -1.78 20.48 29.90
N PRO A 8 -1.17 19.77 28.94
CA PRO A 8 -1.90 18.69 28.26
C PRO A 8 -2.33 17.56 29.17
N ALA A 9 -1.50 17.19 30.16
CA ALA A 9 -1.87 16.10 31.06
C ALA A 9 -3.14 16.39 31.85
N ALA A 10 -3.47 17.67 32.06
CA ALA A 10 -4.71 18.01 32.73
C ALA A 10 -5.91 17.84 31.81
N ILE A 11 -5.81 18.30 30.57
CA ILE A 11 -6.97 18.43 29.69
C ILE A 11 -7.19 17.23 28.76
N GLU A 12 -6.15 16.48 28.43
CA GLU A 12 -6.29 15.42 27.44
C GLU A 12 -7.07 14.21 27.98
N PRO A 13 -6.83 13.75 29.21
CA PRO A 13 -7.69 12.68 29.72
C PRO A 13 -9.13 13.11 29.92
N ALA A 14 -9.36 14.36 30.32
CA ALA A 14 -10.73 14.84 30.53
C ALA A 14 -11.50 14.88 29.22
N ALA A 15 -10.88 15.39 28.15
CA ALA A 15 -11.58 15.46 26.87
C ALA A 15 -11.87 14.06 26.33
N GLN A 16 -10.97 13.12 26.55
CA GLN A 16 -11.19 11.76 26.08
C GLN A 16 -12.37 11.10 26.79
N LYS A 17 -12.46 11.28 28.11
CA LYS A 17 -13.62 10.78 28.83
C LYS A 17 -14.89 11.48 28.37
N LYS A 18 -14.80 12.75 28.02
CA LYS A 18 -15.96 13.48 27.52
C LYS A 18 -16.44 12.93 26.18
N TRP A 19 -15.50 12.58 25.29
CA TRP A 19 -15.88 11.99 24.01
C TRP A 19 -16.43 10.58 24.20
N ASP A 20 -15.81 9.79 25.07
CA ASP A 20 -16.28 8.43 25.31
C ASP A 20 -17.65 8.42 25.97
N ASP A 21 -17.86 9.29 26.96
CA ASP A 21 -19.17 9.38 27.61
C ASP A 21 -20.26 9.72 26.61
N ALA A 22 -19.96 10.59 25.64
CA ALA A 22 -20.93 10.97 24.63
C ALA A 22 -21.07 9.95 23.51
N ARG A 23 -20.14 8.98 23.42
CA ARG A 23 -20.21 7.91 22.42
C ARG A 23 -20.26 8.47 20.99
N ILE A 24 -19.54 9.58 20.77
CA ILE A 24 -19.61 10.23 19.46
C ILE A 24 -19.00 9.35 18.37
N SER A 25 -18.07 8.47 18.74
CA SER A 25 -17.41 7.60 17.78
C SER A 25 -17.98 6.19 17.76
N ASN A 26 -18.93 5.87 18.65
CA ASN A 26 -19.57 4.57 18.66
C ASN A 26 -20.82 4.66 17.80
N VAL A 27 -20.68 4.26 16.53
CA VAL A 27 -21.71 4.51 15.53
C VAL A 27 -22.42 3.19 15.20
N SER A 28 -23.64 3.35 14.68
CA SER A 28 -24.47 2.24 14.24
C SER A 28 -24.95 2.52 12.82
N GLU A 29 -25.68 1.57 12.25
CA GLU A 29 -26.23 1.71 10.91
C GLU A 29 -27.51 2.54 11.00
N ASP A 30 -27.33 3.86 11.05
CA ASP A 30 -28.41 4.81 11.25
C ASP A 30 -28.76 5.47 9.92
N ALA A 31 -29.98 5.23 9.45
CA ALA A 31 -30.39 5.71 8.13
C ALA A 31 -30.62 7.22 8.08
N SER A 32 -30.59 7.92 9.22
CA SER A 32 -30.87 9.35 9.20
C SER A 32 -29.64 10.17 8.85
N LYS A 33 -28.45 9.72 9.27
CA LYS A 33 -27.24 10.48 8.99
C LYS A 33 -26.46 9.85 7.83
N PRO A 34 -25.90 10.67 6.94
CA PRO A 34 -25.13 10.11 5.81
C PRO A 34 -23.83 9.51 6.31
N LYS A 35 -23.51 8.31 5.80
CA LYS A 35 -22.38 7.55 6.30
C LYS A 35 -21.08 8.05 5.71
N TYR A 36 -20.00 7.89 6.49
CA TYR A 36 -18.64 8.08 6.00
C TYR A 36 -17.76 7.03 6.64
N TYR A 37 -17.08 6.24 5.82
CA TYR A 37 -16.23 5.14 6.28
C TYR A 37 -14.78 5.54 5.99
N CYS A 38 -14.10 6.02 7.02
CA CYS A 38 -12.69 6.40 6.93
C CYS A 38 -11.87 5.33 7.63
N LEU A 39 -10.93 4.73 6.90
CA LEU A 39 -10.19 3.57 7.38
C LEU A 39 -8.70 3.77 7.18
N SER A 40 -7.93 3.51 8.23
CA SER A 40 -6.48 3.45 8.16
C SER A 40 -6.04 2.00 8.27
N MET A 41 -4.98 1.64 7.54
CA MET A 41 -4.51 0.26 7.52
C MET A 41 -4.18 -0.21 8.92
N PHE A 42 -4.87 -1.25 9.38
CA PHE A 42 -4.70 -1.70 10.74
C PHE A 42 -3.32 -2.33 10.94
N PRO A 43 -2.74 -2.18 12.12
CA PRO A 43 -1.32 -2.51 12.30
C PRO A 43 -1.09 -3.94 12.79
N TYR A 44 0.16 -4.38 12.64
CA TYR A 44 0.61 -5.58 13.33
C TYR A 44 0.84 -5.25 14.80
N PRO A 45 0.31 -6.06 15.73
CA PRO A 45 0.63 -5.82 17.15
C PRO A 45 2.06 -6.19 17.48
N SER A 46 3.01 -5.36 17.02
CA SER A 46 4.42 -5.68 17.16
C SER A 46 4.96 -5.46 18.57
N GLY A 47 4.28 -4.65 19.38
CA GLY A 47 4.75 -4.37 20.72
C GLY A 47 4.41 -2.96 21.18
N LYS A 48 4.72 -1.97 20.35
CA LYS A 48 4.41 -0.59 20.68
C LYS A 48 4.30 0.21 19.39
N LEU A 49 3.56 1.32 19.47
CA LEU A 49 3.41 2.20 18.31
C LEU A 49 4.76 2.75 17.88
N HIS A 50 4.87 3.03 16.59
CA HIS A 50 6.01 3.73 16.01
C HIS A 50 5.52 5.04 15.42
N MET A 51 6.48 5.88 15.01
CA MET A 51 6.14 7.22 14.55
C MET A 51 5.31 7.17 13.28
N GLY A 52 5.58 6.19 12.43
CA GLY A 52 4.78 6.02 11.23
C GLY A 52 3.34 5.67 11.54
N HIS A 53 3.13 4.85 12.58
CA HIS A 53 1.78 4.56 13.05
C HIS A 53 1.05 5.84 13.43
N VAL A 54 1.70 6.69 14.23
CA VAL A 54 1.07 7.92 14.70
C VAL A 54 0.73 8.83 13.53
N ARG A 55 1.62 8.90 12.54
CA ARG A 55 1.33 9.74 11.37
C ARG A 55 0.16 9.18 10.55
N ASN A 56 0.14 7.87 10.34
CA ASN A 56 -0.95 7.26 9.59
C ASN A 56 -2.29 7.50 10.27
N TYR A 57 -2.35 7.26 11.58
CA TYR A 57 -3.63 7.28 12.28
C TYR A 57 -4.06 8.68 12.69
N THR A 58 -3.13 9.64 12.78
CA THR A 58 -3.54 11.03 12.93
C THR A 58 -4.18 11.54 11.64
N ILE A 59 -3.60 11.20 10.49
CA ILE A 59 -4.17 11.58 9.21
C ILE A 59 -5.60 11.07 9.09
N GLY A 60 -5.81 9.80 9.45
CA GLY A 60 -7.15 9.26 9.43
C GLY A 60 -8.08 9.98 10.40
N ASP A 61 -7.56 10.36 11.56
CA ASP A 61 -8.39 11.04 12.55
C ASP A 61 -8.72 12.47 12.13
N VAL A 62 -7.81 13.13 11.41
CA VAL A 62 -8.10 14.47 10.91
C VAL A 62 -9.28 14.42 9.93
N LEU A 63 -9.22 13.48 8.98
CA LEU A 63 -10.30 13.36 8.00
C LEU A 63 -11.59 12.86 8.64
N SER A 64 -11.48 11.99 9.64
CA SER A 64 -12.67 11.48 10.30
C SER A 64 -13.37 12.56 11.12
N ARG A 65 -12.61 13.30 11.92
CA ARG A 65 -13.19 14.36 12.73
C ARG A 65 -13.72 15.50 11.86
N PHE A 66 -13.06 15.77 10.73
CA PHE A 66 -13.56 16.79 9.81
C PHE A 66 -14.93 16.42 9.26
N LYS A 67 -15.09 15.17 8.83
CA LYS A 67 -16.40 14.72 8.34
C LYS A 67 -17.42 14.62 9.47
N LEU A 68 -16.97 14.30 10.69
CA LEU A 68 -17.87 14.29 11.84
C LEU A 68 -18.46 15.68 12.06
N LEU A 69 -17.61 16.72 12.02
CA LEU A 69 -18.08 18.09 12.20
C LEU A 69 -19.01 18.52 11.07
N ASN A 70 -18.92 17.89 9.91
CA ASN A 70 -19.80 18.20 8.79
C ASN A 70 -21.06 17.33 8.79
N GLY A 71 -21.37 16.68 9.91
CA GLY A 71 -22.64 15.99 10.05
C GLY A 71 -22.70 14.59 9.49
N PHE A 72 -21.56 13.95 9.25
CA PHE A 72 -21.54 12.59 8.74
C PHE A 72 -21.58 11.59 9.88
N ASN A 73 -22.15 10.41 9.59
CA ASN A 73 -22.10 9.28 10.51
C ASN A 73 -20.81 8.54 10.24
N VAL A 74 -19.78 8.86 11.01
CA VAL A 74 -18.40 8.46 10.70
C VAL A 74 -18.06 7.16 11.42
N MET A 75 -17.63 6.17 10.66
CA MET A 75 -17.05 4.94 11.23
C MET A 75 -15.55 4.97 10.95
N GLN A 76 -14.76 5.06 12.02
CA GLN A 76 -13.30 4.95 11.94
C GLN A 76 -12.89 3.79 12.83
N PRO A 77 -12.81 2.58 12.28
CA PRO A 77 -12.52 1.40 13.10
C PRO A 77 -11.02 1.10 13.15
N MET A 78 -10.63 0.41 14.22
CA MET A 78 -9.26 -0.05 14.37
C MET A 78 -9.25 -1.48 14.86
N GLY A 79 -8.25 -2.24 14.40
CA GLY A 79 -8.10 -3.63 14.76
C GLY A 79 -6.65 -4.05 14.69
N TRP A 80 -6.38 -5.35 14.72
CA TRP A 80 -5.02 -5.86 14.88
C TRP A 80 -4.78 -6.99 13.88
N ASP A 81 -3.92 -6.71 12.90
CA ASP A 81 -3.43 -7.71 11.94
C ASP A 81 -2.43 -8.59 12.68
N ALA A 82 -2.96 -9.61 13.35
CA ALA A 82 -2.25 -10.24 14.46
C ALA A 82 -1.40 -11.44 14.06
N PHE A 83 -1.75 -12.15 13.00
CA PHE A 83 -0.96 -13.31 12.63
C PHE A 83 0.34 -12.89 11.93
N GLY A 84 1.28 -13.83 11.86
CA GLY A 84 2.52 -13.62 11.13
C GLY A 84 3.72 -14.09 11.91
N MET A 85 4.88 -13.84 11.32
CA MET A 85 6.19 -14.30 11.80
C MET A 85 6.70 -13.56 13.05
N PRO A 86 6.50 -12.24 13.20
CA PRO A 86 7.01 -11.56 14.41
C PRO A 86 6.66 -12.27 15.71
N ALA A 87 5.40 -12.66 15.89
CA ALA A 87 5.03 -13.38 17.12
C ALA A 87 5.73 -14.73 17.22
N GLU A 88 6.07 -15.34 16.08
CA GLU A 88 6.78 -16.61 16.12
C GLU A 88 8.25 -16.42 16.47
N ASN A 89 8.88 -15.36 15.95
CA ASN A 89 10.27 -15.09 16.29
C ASN A 89 10.41 -14.70 17.76
N ALA A 90 9.56 -13.76 18.21
CA ALA A 90 9.57 -13.40 19.62
C ALA A 90 9.27 -14.60 20.51
N ALA A 91 8.44 -15.53 20.03
CA ALA A 91 8.21 -16.78 20.76
C ALA A 91 9.48 -17.61 20.85
N MET A 92 10.20 -17.73 19.73
CA MET A 92 11.46 -18.47 19.73
C MET A 92 12.52 -17.78 20.58
N LYS A 93 12.49 -16.45 20.63
CA LYS A 93 13.52 -15.72 21.38
C LYS A 93 13.22 -15.72 22.87
N ASN A 94 11.95 -15.59 23.25
CA ASN A 94 11.59 -15.33 24.65
C ASN A 94 10.91 -16.51 25.34
N ASN A 95 10.72 -17.64 24.66
CA ASN A 95 10.08 -18.83 25.26
C ASN A 95 8.66 -18.50 25.75
N VAL A 96 7.92 -17.76 24.92
CA VAL A 96 6.56 -17.36 25.23
C VAL A 96 5.67 -17.81 24.07
N ALA A 97 4.39 -18.02 24.37
CA ALA A 97 3.47 -18.40 23.30
C ALA A 97 3.17 -17.20 22.40
N PRO A 98 3.15 -17.39 21.08
CA PRO A 98 2.83 -16.27 20.19
C PRO A 98 1.52 -15.57 20.50
N ALA A 99 0.50 -16.32 20.92
CA ALA A 99 -0.79 -15.72 21.26
C ALA A 99 -0.66 -14.81 22.48
N ALA A 100 0.02 -15.29 23.53
CA ALA A 100 0.22 -14.48 24.72
C ALA A 100 1.02 -13.22 24.39
N TRP A 101 2.09 -13.37 23.61
CA TRP A 101 2.86 -12.21 23.16
C TRP A 101 2.00 -11.25 22.35
N THR A 102 1.12 -11.80 21.50
CA THR A 102 0.27 -10.96 20.67
C THR A 102 -0.74 -10.19 21.51
N TYR A 103 -1.47 -10.90 22.38
CA TYR A 103 -2.52 -10.25 23.16
C TYR A 103 -1.97 -9.24 24.14
N ASP A 104 -0.75 -9.45 24.64
CA ASP A 104 -0.12 -8.43 25.47
C ASP A 104 0.20 -7.19 24.66
N ASN A 105 0.71 -7.36 23.44
CA ASN A 105 1.01 -6.21 22.59
C ASN A 105 -0.25 -5.46 22.19
N ILE A 106 -1.31 -6.20 21.87
CA ILE A 106 -2.59 -5.57 21.51
C ILE A 106 -3.06 -4.65 22.64
N GLU A 107 -3.00 -5.15 23.89
CA GLU A 107 -3.48 -4.37 25.02
C GLU A 107 -2.65 -3.11 25.22
N TYR A 108 -1.33 -3.20 25.09
CA TYR A 108 -0.49 -2.02 25.33
C TYR A 108 -0.66 -1.00 24.21
N MET A 109 -0.68 -1.44 22.95
CA MET A 109 -0.82 -0.51 21.84
C MET A 109 -2.20 0.12 21.81
N LYS A 110 -3.23 -0.62 22.26
CA LYS A 110 -4.56 -0.03 22.35
C LYS A 110 -4.58 1.14 23.32
N THR A 111 -3.91 0.99 24.47
CA THR A 111 -3.74 2.10 25.39
C THR A 111 -3.07 3.29 24.71
N GLN A 112 -2.05 3.03 23.90
CA GLN A 112 -1.33 4.10 23.22
C GLN A 112 -2.24 4.83 22.23
N LEU A 113 -3.01 4.07 21.45
CA LEU A 113 -3.91 4.69 20.47
C LEU A 113 -4.96 5.54 21.17
N LYS A 114 -5.50 5.05 22.29
CA LYS A 114 -6.51 5.82 23.02
C LYS A 114 -5.92 7.09 23.63
N SER A 115 -4.67 7.03 24.08
CA SER A 115 -4.03 8.22 24.65
C SER A 115 -3.79 9.30 23.61
N LEU A 116 -3.77 8.94 22.33
CA LEU A 116 -3.63 9.91 21.25
C LEU A 116 -4.95 10.56 20.86
N GLY A 117 -6.06 10.11 21.43
CA GLY A 117 -7.35 10.74 21.18
C GLY A 117 -7.91 10.52 19.80
N PHE A 118 -7.71 9.33 19.24
CA PHE A 118 -8.30 9.01 17.94
C PHE A 118 -9.77 8.68 18.10
N ALA A 119 -10.61 9.30 17.28
CA ALA A 119 -12.07 9.10 17.33
C ALA A 119 -12.38 7.76 16.68
N VAL A 120 -12.23 6.69 17.46
CA VAL A 120 -12.28 5.32 16.97
C VAL A 120 -13.45 4.58 17.60
N ASP A 121 -14.19 3.83 16.79
CA ASP A 121 -15.26 2.97 17.27
C ASP A 121 -14.64 1.68 17.81
N TRP A 122 -14.19 1.75 19.07
CA TRP A 122 -13.54 0.60 19.68
C TRP A 122 -14.50 -0.57 19.88
N GLU A 123 -15.81 -0.33 19.85
CA GLU A 123 -16.78 -1.42 19.91
C GLU A 123 -16.76 -2.28 18.65
N ARG A 124 -16.07 -1.84 17.60
CA ARG A 124 -15.92 -2.62 16.38
C ARG A 124 -14.52 -3.22 16.24
N GLU A 125 -13.75 -3.23 17.33
CA GLU A 125 -12.40 -3.76 17.29
C GLU A 125 -12.40 -5.24 16.94
N VAL A 126 -11.45 -5.63 16.08
CA VAL A 126 -11.25 -7.03 15.74
C VAL A 126 -9.79 -7.39 15.98
N ALA A 127 -9.54 -8.67 16.24
CA ALA A 127 -8.20 -9.24 16.30
C ALA A 127 -8.20 -10.47 15.41
N THR A 128 -7.40 -10.43 14.34
CA THR A 128 -7.47 -11.45 13.31
C THR A 128 -6.99 -12.82 13.78
N CYS A 129 -6.37 -12.92 14.94
CA CYS A 129 -5.96 -14.20 15.48
C CYS A 129 -7.04 -14.86 16.31
N LYS A 130 -8.19 -14.22 16.50
CA LYS A 130 -9.27 -14.84 17.24
C LYS A 130 -10.08 -15.76 16.33
N PRO A 131 -10.49 -16.93 16.84
CA PRO A 131 -11.35 -17.81 16.04
C PRO A 131 -12.63 -17.15 15.56
N GLU A 132 -13.15 -16.18 16.31
CA GLU A 132 -14.33 -15.45 15.86
C GLU A 132 -14.09 -14.70 14.55
N TYR A 133 -12.84 -14.38 14.23
CA TYR A 133 -12.53 -13.70 12.98
C TYR A 133 -12.17 -14.68 11.86
N TYR A 134 -11.10 -15.47 12.05
CA TYR A 134 -10.58 -16.24 10.93
C TYR A 134 -11.45 -17.44 10.56
N ARG A 135 -12.50 -17.74 11.34
CA ARG A 135 -13.43 -18.79 10.94
C ARG A 135 -14.10 -18.44 9.61
N TRP A 136 -14.25 -17.16 9.31
CA TRP A 136 -14.96 -16.71 8.13
C TRP A 136 -14.13 -16.69 6.86
N GLU A 137 -12.79 -16.55 6.99
CA GLU A 137 -11.94 -16.77 5.82
C GLU A 137 -11.71 -18.25 5.57
N GLN A 138 -11.72 -19.08 6.62
CA GLN A 138 -11.78 -20.52 6.42
C GLN A 138 -13.07 -20.91 5.71
N TRP A 139 -14.18 -20.27 6.08
CA TRP A 139 -15.46 -20.56 5.43
C TRP A 139 -15.40 -20.20 3.95
N LEU A 140 -14.90 -19.01 3.62
CA LEU A 140 -14.76 -18.62 2.22
C LEU A 140 -13.79 -19.55 1.49
N PHE A 141 -12.74 -20.00 2.19
CA PHE A 141 -11.80 -20.94 1.60
C PHE A 141 -12.53 -22.19 1.11
N THR A 142 -13.31 -22.83 1.99
CA THR A 142 -14.01 -24.05 1.61
C THR A 142 -15.00 -23.80 0.48
N LYS A 143 -15.69 -22.65 0.51
CA LYS A 143 -16.66 -22.33 -0.53
C LYS A 143 -15.99 -22.15 -1.88
N LEU A 144 -14.86 -21.44 -1.92
CA LEU A 144 -14.10 -21.30 -3.16
C LEU A 144 -13.35 -22.58 -3.54
N PHE A 145 -13.03 -23.43 -2.57
CA PHE A 145 -12.34 -24.68 -2.87
C PHE A 145 -13.24 -25.64 -3.66
N GLU A 146 -14.51 -25.75 -3.28
CA GLU A 146 -15.42 -26.63 -4.00
C GLU A 146 -15.72 -26.11 -5.40
N LYS A 147 -15.69 -24.79 -5.59
CA LYS A 147 -15.85 -24.20 -6.91
C LYS A 147 -14.60 -24.28 -7.76
N GLY A 148 -13.45 -24.63 -7.17
CA GLY A 148 -12.20 -24.66 -7.88
C GLY A 148 -11.47 -23.33 -7.96
N ILE A 149 -12.03 -22.27 -7.38
CA ILE A 149 -11.32 -21.00 -7.34
C ILE A 149 -10.10 -21.10 -6.42
N VAL A 150 -10.19 -21.91 -5.37
CA VAL A 150 -9.04 -22.35 -4.60
C VAL A 150 -8.72 -23.77 -5.03
N TYR A 151 -7.47 -24.03 -5.40
CA TYR A 151 -7.06 -25.34 -5.86
C TYR A 151 -5.71 -25.71 -5.27
N ARG A 152 -5.44 -27.01 -5.27
CA ARG A 152 -4.21 -27.58 -4.71
C ARG A 152 -3.33 -28.07 -5.84
N LYS A 153 -2.04 -27.73 -5.77
CA LYS A 153 -1.12 -28.06 -6.85
C LYS A 153 0.30 -28.06 -6.31
N ASN A 154 1.16 -28.85 -6.94
CA ASN A 154 2.57 -28.89 -6.56
C ASN A 154 3.27 -27.60 -6.98
N GLY A 155 4.07 -27.05 -6.07
CA GLY A 155 4.87 -25.89 -6.37
C GLY A 155 6.25 -26.02 -5.75
N THR A 156 7.15 -25.14 -6.18
CA THR A 156 8.54 -25.17 -5.76
C THR A 156 8.80 -24.11 -4.70
N VAL A 157 9.40 -24.52 -3.58
CA VAL A 157 9.74 -23.62 -2.49
C VAL A 157 11.25 -23.73 -2.22
N ASN A 158 11.75 -22.76 -1.46
CA ASN A 158 13.14 -22.75 -1.01
C ASN A 158 13.19 -23.36 0.39
N TRP A 159 13.70 -24.58 0.50
CA TRP A 159 13.80 -25.25 1.78
C TRP A 159 15.16 -24.99 2.41
N ASP A 160 15.15 -24.47 3.64
CA ASP A 160 16.36 -24.30 4.42
C ASP A 160 16.55 -25.54 5.28
N PRO A 161 17.56 -26.38 5.03
CA PRO A 161 17.69 -27.63 5.81
C PRO A 161 18.27 -27.43 7.20
N VAL A 162 18.92 -26.29 7.48
CA VAL A 162 19.45 -26.05 8.81
C VAL A 162 18.41 -25.40 9.72
N ASP A 163 17.69 -24.40 9.23
CA ASP A 163 16.59 -23.81 9.98
C ASP A 163 15.30 -24.61 9.89
N GLN A 164 15.27 -25.64 9.04
CA GLN A 164 14.12 -26.52 8.91
C GLN A 164 12.84 -25.73 8.65
N THR A 165 12.91 -24.81 7.67
CA THR A 165 11.79 -23.95 7.36
C THR A 165 11.89 -23.48 5.91
N VAL A 166 10.74 -23.09 5.38
CA VAL A 166 10.66 -22.57 4.01
C VAL A 166 10.99 -21.09 4.02
N LEU A 167 11.73 -20.64 3.01
CA LEU A 167 12.13 -19.25 2.88
C LEU A 167 11.61 -18.67 1.58
N ALA A 168 11.20 -17.41 1.63
CA ALA A 168 10.86 -16.68 0.42
C ALA A 168 12.14 -16.25 -0.30
N ASN A 169 11.98 -15.89 -1.58
CA ASN A 169 13.13 -15.46 -2.38
C ASN A 169 13.84 -14.28 -1.73
N GLU A 170 13.09 -13.38 -1.11
CA GLU A 170 13.69 -12.22 -0.46
C GLU A 170 14.60 -12.61 0.70
N GLN A 171 14.45 -13.83 1.22
CA GLN A 171 15.24 -14.32 2.33
C GLN A 171 16.35 -15.27 1.90
N VAL A 172 16.68 -15.28 0.61
CA VAL A 172 17.75 -16.11 0.06
C VAL A 172 18.82 -15.19 -0.49
N ILE A 173 20.03 -15.31 0.05
CA ILE A 173 21.16 -14.46 -0.33
C ILE A 173 22.22 -15.37 -0.95
N ASP A 174 22.38 -15.28 -2.27
CA ASP A 174 23.33 -16.10 -3.03
C ASP A 174 23.11 -17.58 -2.76
N GLY A 175 21.84 -18.00 -2.84
CA GLY A 175 21.49 -19.39 -2.66
C GLY A 175 21.53 -19.91 -1.24
N ARG A 176 21.67 -19.03 -0.24
CA ARG A 176 21.79 -19.45 1.15
C ARG A 176 20.78 -18.70 2.00
N GLY A 177 20.35 -19.35 3.08
CA GLY A 177 19.39 -18.72 3.97
C GLY A 177 19.99 -17.50 4.64
N TRP A 178 19.14 -16.48 4.85
CA TRP A 178 19.65 -15.22 5.38
C TRP A 178 20.17 -15.37 6.81
N ARG A 179 19.55 -16.21 7.62
CA ARG A 179 19.97 -16.42 9.00
C ARG A 179 20.84 -17.66 9.16
N SER A 180 20.50 -18.77 8.53
CA SER A 180 21.27 -20.00 8.71
C SER A 180 22.60 -19.92 7.95
N GLY A 181 22.61 -19.29 6.78
CA GLY A 181 23.76 -19.32 5.91
C GLY A 181 23.94 -20.62 5.15
N ALA A 182 23.03 -21.58 5.33
CA ALA A 182 23.13 -22.86 4.64
C ALA A 182 22.50 -22.77 3.25
N LEU A 183 23.03 -23.59 2.34
CA LEU A 183 22.47 -23.68 1.00
C LEU A 183 21.01 -24.13 1.07
N ILE A 184 20.13 -23.37 0.41
CA ILE A 184 18.72 -23.72 0.37
C ILE A 184 18.49 -24.76 -0.72
N GLU A 185 17.46 -25.57 -0.54
CA GLU A 185 17.11 -26.64 -1.47
C GLU A 185 15.77 -26.33 -2.13
N LYS A 186 15.73 -26.49 -3.45
CA LYS A 186 14.48 -26.35 -4.19
C LYS A 186 13.66 -27.63 -4.04
N ARG A 187 12.46 -27.51 -3.47
CA ARG A 187 11.61 -28.66 -3.21
C ARG A 187 10.24 -28.45 -3.83
N GLU A 188 9.68 -29.53 -4.40
CA GLU A 188 8.32 -29.53 -4.92
C GLU A 188 7.38 -30.09 -3.85
N ILE A 189 6.48 -29.27 -3.36
CA ILE A 189 5.50 -29.70 -2.35
C ILE A 189 4.10 -29.26 -2.78
N PRO A 190 3.06 -29.96 -2.35
CA PRO A 190 1.69 -29.51 -2.68
C PRO A 190 1.30 -28.28 -1.87
N MET A 191 0.70 -27.31 -2.57
CA MET A 191 0.26 -26.07 -1.95
C MET A 191 -1.07 -25.64 -2.55
N TYR A 192 -1.73 -24.69 -1.90
CA TYR A 192 -3.03 -24.20 -2.33
C TYR A 192 -2.87 -22.82 -2.96
N TYR A 193 -3.75 -22.53 -3.93
CA TYR A 193 -3.67 -21.30 -4.69
C TYR A 193 -5.07 -20.72 -4.90
N PHE A 194 -5.16 -19.39 -4.80
CA PHE A 194 -6.34 -18.69 -5.32
C PHE A 194 -6.19 -18.52 -6.82
N LYS A 195 -7.25 -18.84 -7.56
CA LYS A 195 -7.24 -18.69 -9.01
C LYS A 195 -7.50 -17.23 -9.40
N ILE A 196 -6.58 -16.37 -8.96
CA ILE A 196 -6.75 -14.92 -9.15
C ILE A 196 -6.65 -14.54 -10.63
N THR A 197 -6.03 -15.38 -11.46
CA THR A 197 -5.96 -15.08 -12.88
C THR A 197 -7.31 -15.16 -13.57
N ASP A 198 -8.27 -15.89 -12.98
CA ASP A 198 -9.63 -15.88 -13.51
C ASP A 198 -10.28 -14.50 -13.39
N TYR A 199 -9.79 -13.65 -12.49
CA TYR A 199 -10.33 -12.31 -12.28
C TYR A 199 -9.41 -11.21 -12.80
N ALA A 200 -8.41 -11.57 -13.61
CA ALA A 200 -7.39 -10.60 -14.00
C ALA A 200 -7.99 -9.45 -14.81
N GLU A 201 -8.85 -9.77 -15.79
CA GLU A 201 -9.44 -8.73 -16.63
C GLU A 201 -10.33 -7.81 -15.80
N GLU A 202 -11.07 -8.38 -14.84
CA GLU A 202 -11.90 -7.57 -13.96
C GLU A 202 -11.05 -6.67 -13.08
N LEU A 203 -10.01 -7.25 -12.47
CA LEU A 203 -9.13 -6.46 -11.59
C LEU A 203 -8.40 -5.38 -12.36
N LEU A 204 -8.11 -5.60 -13.64
CA LEU A 204 -7.44 -4.59 -14.46
C LEU A 204 -8.39 -3.48 -14.88
N ASN A 205 -9.55 -3.85 -15.44
CA ASN A 205 -10.44 -2.85 -16.02
C ASN A 205 -11.14 -2.03 -14.94
N ASP A 206 -11.49 -2.64 -13.79
CA ASP A 206 -12.17 -1.91 -12.74
C ASP A 206 -11.29 -0.82 -12.12
N LEU A 207 -9.97 -0.88 -12.35
CA LEU A 207 -9.10 0.21 -11.92
C LEU A 207 -9.52 1.53 -12.55
N ASP A 208 -10.09 1.49 -13.75
CA ASP A 208 -10.56 2.71 -14.40
C ASP A 208 -11.65 3.42 -13.60
N LYS A 209 -12.38 2.68 -12.75
CA LYS A 209 -13.41 3.29 -11.92
C LYS A 209 -12.84 4.16 -10.81
N LEU A 210 -11.57 3.99 -10.48
CA LEU A 210 -10.99 4.61 -9.28
C LEU A 210 -10.40 5.97 -9.62
N GLU A 211 -11.31 6.92 -9.85
CA GLU A 211 -10.92 8.28 -10.19
C GLU A 211 -10.22 9.00 -9.05
N HIS A 212 -10.44 8.56 -7.81
CA HIS A 212 -9.84 9.20 -6.64
C HIS A 212 -8.70 8.38 -6.06
N TRP A 213 -8.05 7.58 -6.89
CA TRP A 213 -6.80 6.92 -6.57
C TRP A 213 -5.64 7.63 -7.24
N PRO A 214 -4.47 7.67 -6.60
CA PRO A 214 -3.28 8.20 -7.28
C PRO A 214 -2.97 7.38 -8.53
N GLU A 215 -2.61 8.08 -9.60
CA GLU A 215 -2.38 7.38 -10.86
C GLU A 215 -1.22 6.40 -10.77
N GLN A 216 -0.24 6.67 -9.89
CA GLN A 216 0.90 5.76 -9.77
C GLN A 216 0.47 4.43 -9.17
N VAL A 217 -0.49 4.44 -8.23
CA VAL A 217 -0.96 3.20 -7.65
C VAL A 217 -1.70 2.36 -8.68
N LYS A 218 -2.56 3.00 -9.48
CA LYS A 218 -3.25 2.29 -10.54
C LYS A 218 -2.26 1.79 -11.59
N THR A 219 -1.28 2.63 -11.95
CA THR A 219 -0.26 2.20 -12.92
C THR A 219 0.54 1.03 -12.38
N MET A 220 0.88 1.05 -11.08
CA MET A 220 1.59 -0.08 -10.49
C MET A 220 0.73 -1.34 -10.52
N GLN A 221 -0.58 -1.20 -10.34
CA GLN A 221 -1.46 -2.36 -10.41
C GLN A 221 -1.60 -2.88 -11.83
N ARG A 222 -1.71 -1.98 -12.81
CA ARG A 222 -1.80 -2.40 -14.21
C ARG A 222 -0.53 -3.13 -14.64
N ASN A 223 0.63 -2.62 -14.25
CA ASN A 223 1.89 -3.28 -14.60
C ASN A 223 2.00 -4.64 -13.94
N TRP A 224 1.52 -4.76 -12.69
CA TRP A 224 1.62 -6.03 -11.99
C TRP A 224 0.74 -7.10 -12.64
N ILE A 225 -0.49 -6.74 -12.99
CA ILE A 225 -1.34 -7.67 -13.74
C ILE A 225 -0.71 -7.95 -15.10
N GLY A 226 -0.22 -6.92 -15.77
CA GLY A 226 0.57 -7.07 -16.98
C GLY A 226 -0.17 -7.73 -18.14
N LYS A 227 -1.33 -7.21 -18.49
CA LYS A 227 -2.03 -7.73 -19.67
C LYS A 227 -1.32 -7.30 -20.94
N SER A 228 -1.18 -8.23 -21.87
CA SER A 228 -0.60 -7.95 -23.18
C SER A 228 -1.42 -8.65 -24.25
N ARG A 229 -1.59 -7.97 -25.38
CA ARG A 229 -2.26 -8.54 -26.55
C ARG A 229 -1.18 -8.79 -27.60
N GLY A 230 -0.75 -10.04 -27.70
CA GLY A 230 0.37 -10.41 -28.53
C GLY A 230 0.01 -11.48 -29.54
N MET A 231 1.00 -12.30 -29.87
CA MET A 231 0.88 -13.27 -30.95
C MET A 231 1.64 -14.54 -30.58
N THR A 232 0.94 -15.67 -30.61
CA THR A 232 1.61 -16.96 -30.58
C THR A 232 2.23 -17.22 -31.95
N VAL A 233 3.52 -17.54 -31.97
CA VAL A 233 4.25 -17.78 -33.21
C VAL A 233 5.01 -19.08 -33.06
N ARG A 234 4.88 -19.96 -34.05
CA ARG A 234 5.51 -21.27 -34.05
C ARG A 234 6.62 -21.29 -35.09
N PHE A 235 7.86 -21.50 -34.63
CA PHE A 235 9.02 -21.63 -35.49
C PHE A 235 9.31 -23.11 -35.69
N ALA A 236 9.21 -23.59 -36.93
CA ALA A 236 9.48 -24.98 -37.21
C ALA A 236 10.94 -25.32 -36.91
N VAL A 237 11.14 -26.43 -36.19
CA VAL A 237 12.49 -26.89 -35.89
C VAL A 237 13.15 -27.37 -37.18
N SER A 238 14.39 -26.93 -37.41
CA SER A 238 15.12 -27.37 -38.58
C SER A 238 15.36 -28.87 -38.54
N ASP A 239 15.53 -29.47 -39.72
CA ASP A 239 15.72 -30.92 -39.80
C ASP A 239 16.97 -31.38 -39.05
N ASP A 240 17.95 -30.50 -38.91
CA ASP A 240 19.22 -30.85 -38.28
C ASP A 240 19.21 -30.67 -36.77
N SER A 241 18.08 -30.31 -36.17
CA SER A 241 18.03 -29.93 -34.77
C SER A 241 16.96 -30.69 -34.00
N LYS A 242 16.63 -31.91 -34.42
CA LYS A 242 15.52 -32.66 -33.84
C LYS A 242 15.97 -33.78 -32.92
N GLN A 243 17.27 -33.92 -32.66
CA GLN A 243 17.74 -35.01 -31.81
C GLN A 243 17.27 -34.81 -30.37
N GLY A 244 16.69 -35.85 -29.78
CA GLY A 244 16.27 -35.83 -28.40
C GLY A 244 14.90 -35.21 -28.15
N LEU A 245 14.22 -34.75 -29.18
CA LEU A 245 12.92 -34.09 -29.03
C LEU A 245 11.79 -35.06 -29.34
N GLU A 246 10.66 -34.87 -28.67
CA GLU A 246 9.48 -35.69 -28.89
C GLU A 246 8.24 -34.83 -28.74
N GLY A 247 7.19 -35.20 -29.48
CA GLY A 247 5.95 -34.44 -29.44
C GLY A 247 5.98 -33.23 -30.36
N ASP A 248 5.19 -32.22 -30.00
CA ASP A 248 5.21 -30.96 -30.75
C ASP A 248 6.55 -30.25 -30.65
N TYR A 249 7.36 -30.56 -29.63
CA TYR A 249 8.65 -29.92 -29.49
C TYR A 249 9.63 -30.36 -30.58
N ALA A 250 9.43 -31.56 -31.13
CA ALA A 250 10.22 -31.99 -32.28
C ALA A 250 9.79 -31.30 -33.57
N LYS A 251 8.56 -30.79 -33.62
CA LYS A 251 8.04 -30.17 -34.82
C LYS A 251 8.33 -28.67 -34.88
N PHE A 252 8.05 -27.95 -33.79
CA PHE A 252 8.17 -26.50 -33.81
C PHE A 252 8.54 -25.98 -32.43
N LEU A 253 9.04 -24.75 -32.41
CA LEU A 253 9.24 -23.98 -31.19
C LEU A 253 8.17 -22.89 -31.15
N GLN A 254 7.33 -22.92 -30.12
CA GLN A 254 6.25 -21.96 -29.97
C GLN A 254 6.70 -20.85 -29.02
N VAL A 255 6.43 -19.60 -29.40
CA VAL A 255 6.79 -18.45 -28.61
C VAL A 255 5.60 -17.49 -28.55
N TYR A 256 5.66 -16.58 -27.59
CA TYR A 256 4.71 -15.48 -27.47
C TYR A 256 5.47 -14.17 -27.59
N THR A 257 5.00 -13.29 -28.47
CA THR A 257 5.59 -11.98 -28.65
C THR A 257 4.49 -10.92 -28.66
N THR A 258 4.78 -9.79 -28.04
CA THR A 258 3.91 -8.63 -28.11
C THR A 258 4.23 -7.73 -29.29
N ARG A 259 5.25 -8.07 -30.08
CA ARG A 259 5.67 -7.28 -31.24
C ARG A 259 5.76 -8.16 -32.48
N PRO A 260 4.64 -8.74 -32.93
CA PRO A 260 4.68 -9.53 -34.18
C PRO A 260 4.92 -8.68 -35.41
N ASP A 261 4.80 -7.35 -35.31
CA ASP A 261 5.16 -6.47 -36.41
C ASP A 261 6.66 -6.46 -36.68
N THR A 262 7.47 -6.90 -35.73
CA THR A 262 8.92 -6.95 -35.87
C THR A 262 9.43 -8.37 -36.12
N LEU A 263 8.55 -9.29 -36.53
CA LEU A 263 8.94 -10.68 -36.71
C LEU A 263 9.98 -10.83 -37.81
N MET A 264 9.93 -9.98 -38.84
CA MET A 264 10.95 -10.00 -39.88
C MET A 264 12.32 -9.57 -39.37
N GLY A 265 12.40 -9.00 -38.18
CA GLY A 265 13.65 -8.59 -37.57
C GLY A 265 14.18 -9.53 -36.51
N ALA A 266 13.55 -10.69 -36.31
CA ALA A 266 14.06 -11.67 -35.36
C ALA A 266 15.40 -12.22 -35.84
N THR A 267 16.41 -12.15 -34.97
CA THR A 267 17.74 -12.62 -35.32
C THR A 267 18.18 -13.84 -34.51
N TYR A 268 17.38 -14.26 -33.53
CA TYR A 268 17.61 -15.47 -32.74
C TYR A 268 16.42 -15.61 -31.80
N VAL A 269 16.31 -16.79 -31.18
CA VAL A 269 15.25 -17.08 -30.22
C VAL A 269 15.89 -17.58 -28.94
N ALA A 270 15.16 -17.42 -27.83
CA ALA A 270 15.63 -17.82 -26.52
C ALA A 270 14.59 -18.70 -25.84
N VAL A 271 15.05 -19.70 -25.11
CA VAL A 271 14.20 -20.62 -24.39
C VAL A 271 14.60 -20.64 -22.92
N ALA A 272 13.66 -21.06 -22.08
CA ALA A 272 13.95 -21.21 -20.65
C ALA A 272 14.84 -22.42 -20.42
N ALA A 273 15.43 -22.47 -19.22
CA ALA A 273 16.32 -23.58 -18.88
C ALA A 273 15.59 -24.91 -18.86
N GLU A 274 14.31 -24.91 -18.46
CA GLU A 274 13.52 -26.13 -18.41
C GLU A 274 12.89 -26.50 -19.74
N HIS A 275 13.10 -25.71 -20.78
CA HIS A 275 12.48 -25.98 -22.07
C HIS A 275 13.04 -27.29 -22.65
N PRO A 276 12.20 -28.09 -23.31
CA PRO A 276 12.69 -29.35 -23.90
C PRO A 276 13.86 -29.17 -24.87
N LEU A 277 13.89 -28.06 -25.61
CA LEU A 277 15.02 -27.81 -26.51
C LEU A 277 16.31 -27.63 -25.72
N ALA A 278 16.25 -26.91 -24.61
CA ALA A 278 17.42 -26.79 -23.74
C ALA A 278 17.87 -28.15 -23.24
N THR A 279 16.93 -29.00 -22.83
CA THR A 279 17.27 -30.33 -22.36
C THR A 279 17.93 -31.16 -23.47
N ALA A 280 17.36 -31.11 -24.67
CA ALA A 280 17.89 -31.91 -25.78
C ALA A 280 19.27 -31.42 -26.21
N ALA A 281 19.48 -30.11 -26.21
CA ALA A 281 20.78 -29.57 -26.59
C ALA A 281 21.83 -29.77 -25.50
N ALA A 282 21.43 -29.71 -24.24
CA ALA A 282 22.36 -29.91 -23.13
C ALA A 282 22.71 -31.37 -22.89
N ALA A 283 22.13 -32.30 -23.66
CA ALA A 283 22.34 -33.72 -23.42
C ALA A 283 23.82 -34.11 -23.50
N ASP A 284 24.59 -33.40 -24.34
CA ASP A 284 26.00 -33.71 -24.48
C ASP A 284 26.90 -32.47 -24.41
N LYS A 285 26.44 -31.40 -23.76
CA LYS A 285 27.21 -30.17 -23.63
C LYS A 285 27.23 -29.76 -22.16
N PRO A 286 28.33 -29.98 -21.46
CA PRO A 286 28.36 -29.68 -20.01
C PRO A 286 28.16 -28.22 -19.68
N GLU A 287 28.63 -27.30 -20.53
CA GLU A 287 28.41 -25.88 -20.28
C GLU A 287 26.93 -25.55 -20.25
N LEU A 288 26.15 -26.19 -21.12
CA LEU A 288 24.70 -26.00 -21.09
C LEU A 288 24.09 -26.58 -19.82
N GLN A 289 24.56 -27.76 -19.41
CA GLN A 289 24.08 -28.33 -18.15
C GLN A 289 24.40 -27.44 -16.97
N ALA A 290 25.60 -26.85 -16.95
CA ALA A 290 25.96 -25.92 -15.89
C ALA A 290 25.09 -24.67 -15.93
N PHE A 291 24.83 -24.16 -17.14
CA PHE A 291 23.97 -22.98 -17.27
C PHE A 291 22.55 -23.28 -16.82
N ILE A 292 22.01 -24.44 -17.22
CA ILE A 292 20.66 -24.83 -16.81
C ILE A 292 20.59 -24.99 -15.29
N ALA A 293 21.62 -25.61 -14.71
CA ALA A 293 21.62 -25.82 -13.26
C ALA A 293 21.63 -24.50 -12.50
N GLU A 294 22.40 -23.52 -12.98
CA GLU A 294 22.47 -22.23 -12.30
C GLU A 294 21.12 -21.49 -12.38
N CYS A 295 20.45 -21.58 -13.54
CA CYS A 295 19.15 -20.94 -13.68
C CYS A 295 18.13 -21.54 -12.71
N LYS A 296 18.14 -22.87 -12.56
CA LYS A 296 17.21 -23.52 -11.65
C LYS A 296 17.52 -23.17 -10.20
N ALA A 297 18.81 -23.04 -9.87
CA ALA A 297 19.21 -22.75 -8.50
C ALA A 297 18.98 -21.29 -8.10
N GLY A 298 18.62 -20.43 -9.04
CA GLY A 298 18.40 -19.03 -8.71
C GLY A 298 17.14 -18.81 -7.91
N SER A 299 17.14 -17.70 -7.17
CA SER A 299 16.01 -17.31 -6.33
C SER A 299 15.80 -15.80 -6.42
N VAL A 300 15.70 -15.29 -7.65
CA VAL A 300 15.55 -13.86 -7.88
C VAL A 300 14.12 -13.45 -7.56
N ALA A 301 13.97 -12.50 -6.64
CA ALA A 301 12.65 -11.98 -6.31
C ALA A 301 12.13 -11.09 -7.44
N GLU A 302 10.81 -10.99 -7.53
CA GLU A 302 10.18 -10.29 -8.65
C GLU A 302 10.61 -8.83 -8.71
N ALA A 303 10.71 -8.16 -7.56
CA ALA A 303 11.13 -6.77 -7.55
C ALA A 303 12.54 -6.58 -8.07
N ASP A 304 13.34 -7.64 -8.12
CA ASP A 304 14.72 -7.58 -8.60
C ASP A 304 14.90 -8.32 -9.92
N MET A 305 13.82 -8.80 -10.54
CA MET A 305 13.96 -9.66 -11.72
C MET A 305 14.57 -8.91 -12.90
N ALA A 306 14.18 -7.64 -13.09
CA ALA A 306 14.64 -6.88 -14.24
C ALA A 306 16.04 -6.31 -14.06
N THR A 307 16.60 -6.36 -12.86
CA THR A 307 17.92 -5.78 -12.61
C THR A 307 19.04 -6.82 -12.62
N MET A 308 18.72 -8.10 -12.70
CA MET A 308 19.76 -9.11 -12.79
C MET A 308 20.35 -9.14 -14.19
N GLU A 309 21.62 -9.49 -14.27
CA GLU A 309 22.31 -9.53 -15.56
C GLU A 309 21.73 -10.64 -16.43
N LYS A 310 21.39 -10.29 -17.67
CA LYS A 310 20.84 -11.26 -18.60
C LYS A 310 21.98 -12.02 -19.26
N LYS A 311 21.98 -13.34 -19.10
CA LYS A 311 23.03 -14.20 -19.64
C LYS A 311 22.41 -15.30 -20.49
N GLY A 312 23.21 -15.85 -21.39
CA GLY A 312 22.71 -16.89 -22.27
C GLY A 312 23.83 -17.71 -22.86
N VAL A 313 23.44 -18.86 -23.42
CA VAL A 313 24.38 -19.76 -24.10
C VAL A 313 23.75 -20.26 -25.40
N PRO A 314 24.51 -20.38 -26.48
CA PRO A 314 23.95 -20.97 -27.70
C PRO A 314 23.80 -22.47 -27.56
N THR A 315 22.78 -23.02 -28.23
CA THR A 315 22.49 -24.44 -28.16
C THR A 315 22.99 -25.23 -29.36
N GLY A 316 23.30 -24.56 -30.47
CA GLY A 316 23.57 -25.25 -31.70
C GLY A 316 22.34 -25.78 -32.40
N ARG A 317 21.16 -25.55 -31.85
CA ARG A 317 19.89 -25.92 -32.49
C ARG A 317 19.31 -24.71 -33.20
N TYR A 318 18.54 -24.97 -34.25
CA TYR A 318 18.03 -23.92 -35.11
C TYR A 318 16.55 -24.14 -35.41
N VAL A 319 15.83 -23.02 -35.56
CA VAL A 319 14.44 -23.01 -35.96
C VAL A 319 14.29 -22.06 -37.14
N VAL A 320 13.13 -22.15 -37.80
CA VAL A 320 12.87 -21.42 -39.04
C VAL A 320 11.79 -20.38 -38.79
N ASN A 321 12.09 -19.13 -39.10
CA ASN A 321 11.10 -18.05 -39.06
C ASN A 321 10.03 -18.33 -40.11
N PRO A 322 8.75 -18.47 -39.72
CA PRO A 322 7.72 -18.85 -40.71
C PRO A 322 7.39 -17.76 -41.71
N LEU A 323 7.91 -16.55 -41.54
CA LEU A 323 7.55 -15.45 -42.43
C LEU A 323 8.59 -15.25 -43.53
N ASN A 324 9.87 -15.28 -43.19
CA ASN A 324 10.93 -15.07 -44.18
C ASN A 324 11.81 -16.29 -44.40
N GLY A 325 11.65 -17.36 -43.63
CA GLY A 325 12.47 -18.54 -43.77
C GLY A 325 13.83 -18.46 -43.12
N ASP A 326 14.16 -17.37 -42.44
CA ASP A 326 15.45 -17.27 -41.77
C ASP A 326 15.62 -18.38 -40.74
N LYS A 327 16.80 -18.97 -40.73
CA LYS A 327 17.15 -19.98 -39.73
C LYS A 327 17.81 -19.29 -38.56
N LEU A 328 17.19 -19.38 -37.37
CA LEU A 328 17.66 -18.68 -36.19
C LEU A 328 18.14 -19.68 -35.15
N GLU A 329 19.28 -19.38 -34.52
CA GLU A 329 19.82 -20.26 -33.50
C GLU A 329 19.04 -20.11 -32.20
N VAL A 330 18.83 -21.22 -31.52
CA VAL A 330 18.15 -21.24 -30.23
C VAL A 330 19.19 -21.00 -29.14
N TRP A 331 18.91 -20.04 -28.26
CA TRP A 331 19.72 -19.77 -27.09
C TRP A 331 18.95 -20.14 -25.83
N ILE A 332 19.67 -20.58 -24.81
CA ILE A 332 19.10 -20.70 -23.47
C ILE A 332 19.42 -19.41 -22.74
N ALA A 333 18.40 -18.73 -22.23
CA ALA A 333 18.57 -17.45 -21.56
C ALA A 333 17.97 -17.51 -20.17
N ASN A 334 18.56 -16.75 -19.25
CA ASN A 334 18.12 -16.78 -17.87
C ASN A 334 16.92 -15.88 -17.60
N TYR A 335 16.61 -14.95 -18.50
CA TYR A 335 15.46 -14.08 -18.34
C TYR A 335 14.17 -14.71 -18.88
N VAL A 336 14.25 -15.88 -19.50
CA VAL A 336 13.07 -16.59 -19.98
C VAL A 336 12.62 -17.55 -18.89
N LEU A 337 11.41 -17.36 -18.40
CA LEU A 337 10.91 -18.09 -17.24
C LEU A 337 9.94 -19.17 -17.67
N TRP A 338 10.23 -20.42 -17.30
CA TRP A 338 9.29 -21.51 -17.50
C TRP A 338 8.03 -21.25 -16.69
N GLY A 339 6.88 -21.40 -17.33
CA GLY A 339 5.59 -21.07 -16.73
C GLY A 339 4.97 -19.80 -17.27
N TYR A 340 5.77 -18.89 -17.81
CA TYR A 340 5.26 -17.69 -18.47
C TYR A 340 5.13 -17.98 -19.96
N GLY A 341 3.89 -18.06 -20.43
CA GLY A 341 3.67 -18.37 -21.83
C GLY A 341 4.19 -19.74 -22.18
N ASP A 342 4.94 -19.82 -23.27
CA ASP A 342 5.52 -21.07 -23.76
C ASP A 342 6.91 -21.33 -23.21
N GLY A 343 7.41 -20.47 -22.33
CA GLY A 343 8.79 -20.59 -21.90
C GLY A 343 9.79 -20.36 -23.01
N ALA A 344 9.43 -19.56 -24.00
CA ALA A 344 10.29 -19.29 -25.14
C ALA A 344 9.90 -17.95 -25.74
N VAL A 345 10.90 -17.18 -26.15
CA VAL A 345 10.68 -15.87 -26.76
C VAL A 345 11.51 -15.76 -28.03
N MET A 346 11.09 -14.85 -28.89
CA MET A 346 11.91 -14.38 -30.00
C MET A 346 12.58 -13.07 -29.60
N ALA A 347 13.65 -12.72 -30.31
CA ALA A 347 14.46 -11.56 -29.96
C ALA A 347 14.60 -10.65 -31.17
N VAL A 348 14.20 -9.40 -31.03
CA VAL A 348 14.38 -8.37 -32.04
C VAL A 348 15.28 -7.30 -31.45
N PRO A 349 16.60 -7.44 -31.56
CA PRO A 349 17.51 -6.49 -30.89
C PRO A 349 17.37 -5.06 -31.36
N ALA A 350 16.86 -4.82 -32.57
CA ALA A 350 16.77 -3.46 -33.08
C ALA A 350 15.62 -2.68 -32.45
N HIS A 351 14.66 -3.35 -31.81
CA HIS A 351 13.47 -2.66 -31.32
C HIS A 351 13.01 -3.14 -29.95
N ASP A 352 13.83 -3.90 -29.24
CA ASP A 352 13.59 -4.25 -27.84
C ASP A 352 14.91 -4.03 -27.10
N GLU A 353 14.89 -3.16 -26.10
CA GLU A 353 16.14 -2.73 -25.48
C GLU A 353 16.85 -3.88 -24.78
N ARG A 354 16.09 -4.78 -24.14
CA ARG A 354 16.72 -5.94 -23.53
C ARG A 354 17.38 -6.83 -24.58
N ASP A 355 16.70 -7.05 -25.70
CA ASP A 355 17.33 -7.77 -26.80
C ASP A 355 18.52 -7.00 -27.35
N PHE A 356 18.47 -5.67 -27.32
CA PHE A 356 19.60 -4.88 -27.81
C PHE A 356 20.84 -5.08 -26.95
N GLU A 357 20.69 -5.05 -25.62
CA GLU A 357 21.84 -5.27 -24.75
C GLU A 357 22.30 -6.73 -24.80
N PHE A 358 21.36 -7.66 -24.87
CA PHE A 358 21.72 -9.07 -25.01
C PHE A 358 22.51 -9.31 -26.29
N ALA A 359 22.03 -8.76 -27.41
CA ALA A 359 22.72 -8.94 -28.69
C ALA A 359 24.05 -8.20 -28.71
N ALA A 360 24.10 -6.99 -28.15
CA ALA A 360 25.35 -6.26 -28.08
C ALA A 360 26.38 -7.01 -27.24
N LYS A 361 25.92 -7.72 -26.21
CA LYS A 361 26.82 -8.47 -25.35
C LYS A 361 27.46 -9.64 -26.09
N TYR A 362 26.67 -10.37 -26.88
CA TYR A 362 27.13 -11.55 -27.59
C TYR A 362 27.38 -11.30 -29.07
N ASN A 363 27.36 -10.04 -29.50
CA ASN A 363 27.56 -9.67 -30.91
C ASN A 363 26.57 -10.41 -31.81
N LEU A 364 25.31 -10.44 -31.39
CA LEU A 364 24.25 -11.06 -32.19
C LEU A 364 23.68 -10.04 -33.17
N PRO A 365 23.15 -10.50 -34.30
CA PRO A 365 22.71 -9.57 -35.35
C PRO A 365 21.55 -8.69 -34.89
N LYS A 366 21.49 -7.49 -35.46
CA LYS A 366 20.40 -6.55 -35.22
C LYS A 366 19.85 -6.11 -36.57
N LYS A 367 18.60 -6.44 -36.84
CA LYS A 367 17.96 -6.13 -38.12
C LYS A 367 16.86 -5.09 -37.87
N GLN A 368 17.10 -3.86 -38.30
CA GLN A 368 16.08 -2.82 -38.20
C GLN A 368 14.91 -3.14 -39.10
N VAL A 369 13.70 -3.13 -38.53
CA VAL A 369 12.48 -3.33 -39.29
C VAL A 369 11.45 -2.24 -39.04
N ILE A 370 11.74 -1.27 -38.18
CA ILE A 370 10.85 -0.13 -37.93
C ILE A 370 11.62 1.15 -38.21
N ALA A 371 10.93 2.13 -38.79
CA ALA A 371 11.47 3.46 -39.01
C ALA A 371 10.52 4.48 -38.42
N VAL A 372 11.07 5.50 -37.77
CA VAL A 372 10.29 6.58 -37.16
C VAL A 372 10.76 7.88 -37.79
N GLY A 373 10.03 8.36 -38.80
CA GLY A 373 10.47 9.54 -39.52
C GLY A 373 11.77 9.26 -40.28
N ASP A 374 12.58 10.31 -40.42
CA ASP A 374 13.90 10.20 -41.02
C ASP A 374 15.00 10.07 -39.99
N ASN A 375 14.69 9.49 -38.82
CA ASN A 375 15.70 9.28 -37.80
C ASN A 375 16.74 8.28 -38.28
N ALA A 376 18.00 8.53 -37.93
CA ALA A 376 19.08 7.64 -38.28
C ALA A 376 19.10 6.45 -37.33
N PHE A 377 19.27 5.25 -37.88
CA PHE A 377 19.40 4.04 -37.09
C PHE A 377 20.88 3.69 -36.96
N ASP A 378 21.36 3.64 -35.73
CA ASP A 378 22.71 3.19 -35.43
C ASP A 378 22.61 1.84 -34.73
N ALA A 379 23.19 0.80 -35.33
CA ALA A 379 23.13 -0.53 -34.75
C ALA A 379 23.89 -0.67 -33.44
N ASN A 380 24.75 0.30 -33.11
CA ASN A 380 25.63 0.18 -31.96
C ASN A 380 25.23 1.04 -30.77
N ARG A 381 24.15 1.82 -30.88
CA ARG A 381 23.70 2.67 -29.79
C ARG A 381 22.18 2.67 -29.75
N TRP A 382 21.62 2.23 -28.63
CA TRP A 382 20.16 2.19 -28.49
C TRP A 382 19.60 3.61 -28.43
N GLN A 383 18.56 3.86 -29.21
CA GLN A 383 17.81 5.10 -29.14
C GLN A 383 16.37 4.77 -28.76
N GLU A 384 15.72 5.72 -28.09
CA GLU A 384 14.39 5.46 -27.53
C GLU A 384 13.37 5.21 -28.63
N TRP A 385 13.53 5.81 -29.81
CA TRP A 385 12.57 5.61 -30.88
C TRP A 385 12.64 4.20 -31.48
N TYR A 386 13.68 3.43 -31.16
CA TYR A 386 13.74 2.05 -31.64
C TYR A 386 12.52 1.26 -31.23
N GLY A 387 12.04 1.46 -30.00
CA GLY A 387 10.89 0.78 -29.48
C GLY A 387 9.57 1.48 -29.67
N ASP A 388 9.50 2.49 -30.54
CA ASP A 388 8.26 3.21 -30.76
C ASP A 388 7.24 2.31 -31.45
N LYS A 389 6.04 2.22 -30.86
CA LYS A 389 4.93 1.51 -31.49
C LYS A 389 3.91 2.44 -32.12
N GLU A 390 3.89 3.72 -31.72
CA GLU A 390 2.84 4.61 -32.17
C GLU A 390 3.14 5.20 -33.55
N ASN A 391 4.37 5.68 -33.75
CA ASN A 391 4.67 6.47 -34.94
C ASN A 391 5.76 5.83 -35.79
N GLY A 392 5.65 4.54 -36.06
CA GLY A 392 6.64 3.82 -36.84
C GLY A 392 6.02 3.12 -38.03
N VAL A 393 6.82 2.96 -39.08
CA VAL A 393 6.43 2.19 -40.26
C VAL A 393 7.44 1.06 -40.45
N LEU A 394 6.97 -0.02 -41.06
CA LEU A 394 7.81 -1.19 -41.24
C LEU A 394 8.76 -1.03 -42.42
N VAL A 395 9.98 -1.52 -42.25
CA VAL A 395 10.99 -1.52 -43.31
C VAL A 395 11.70 -2.88 -43.28
N ASN A 396 12.37 -3.21 -44.39
CA ASN A 396 13.11 -4.46 -44.52
C ASN A 396 12.22 -5.67 -44.25
N SER A 397 10.91 -5.54 -44.48
CA SER A 397 9.95 -6.57 -44.09
C SER A 397 9.15 -7.08 -45.29
N GLY A 398 9.75 -7.03 -46.48
CA GLY A 398 9.09 -7.56 -47.66
C GLY A 398 7.82 -6.80 -47.98
N ASP A 399 6.73 -7.54 -48.12
CA ASP A 399 5.42 -6.95 -48.43
C ASP A 399 4.76 -6.26 -47.24
N LEU A 400 5.40 -6.28 -46.08
CA LEU A 400 4.89 -5.60 -44.90
C LEU A 400 5.39 -4.18 -44.76
N ASP A 401 6.25 -3.71 -45.68
CA ASP A 401 6.82 -2.38 -45.56
C ASP A 401 5.75 -1.31 -45.65
N GLY A 402 5.99 -0.19 -44.97
CA GLY A 402 5.08 0.93 -44.99
C GLY A 402 3.89 0.83 -44.06
N LEU A 403 3.69 -0.31 -43.42
CA LEU A 403 2.54 -0.47 -42.52
C LEU A 403 2.87 0.07 -41.13
N ASP A 404 1.83 0.52 -40.43
CA ASP A 404 1.98 0.92 -39.04
C ASP A 404 1.85 -0.31 -38.14
N PHE A 405 1.89 -0.09 -36.82
CA PHE A 405 1.91 -1.21 -35.89
C PHE A 405 0.66 -2.07 -35.99
N GLN A 406 -0.51 -1.44 -35.95
CA GLN A 406 -1.75 -2.21 -35.85
C GLN A 406 -2.06 -2.94 -37.15
N THR A 407 -1.85 -2.27 -38.30
CA THR A 407 -2.12 -2.93 -39.57
C THR A 407 -1.11 -4.03 -39.85
N ALA A 408 0.14 -3.87 -39.41
CA ALA A 408 1.11 -4.95 -39.53
C ALA A 408 0.80 -6.09 -38.58
N PHE A 409 0.24 -5.78 -37.40
CA PHE A 409 -0.19 -6.82 -36.47
C PHE A 409 -1.21 -7.75 -37.13
N ASP A 410 -2.24 -7.18 -37.75
CA ASP A 410 -3.29 -7.99 -38.34
C ASP A 410 -2.79 -8.76 -39.56
N ALA A 411 -1.92 -8.14 -40.35
CA ALA A 411 -1.38 -8.82 -41.52
C ALA A 411 -0.53 -10.02 -41.12
N VAL A 412 0.32 -9.84 -40.10
CA VAL A 412 1.13 -10.95 -39.61
C VAL A 412 0.24 -12.04 -39.03
N ALA A 413 -0.83 -11.66 -38.33
CA ALA A 413 -1.78 -12.66 -37.84
C ALA A 413 -2.44 -13.39 -38.99
N ALA A 414 -2.77 -12.68 -40.07
CA ALA A 414 -3.37 -13.32 -41.24
C ALA A 414 -2.40 -14.29 -41.88
N LYS A 415 -1.14 -13.89 -42.04
CA LYS A 415 -0.14 -14.76 -42.65
C LYS A 415 0.09 -16.02 -41.81
N LEU A 416 0.21 -15.85 -40.48
CA LEU A 416 0.51 -16.99 -39.63
C LEU A 416 -0.68 -17.94 -39.53
N GLN A 417 -1.90 -17.40 -39.46
CA GLN A 417 -3.07 -18.27 -39.37
C GLN A 417 -3.31 -19.03 -40.67
N SER A 418 -3.02 -18.40 -41.81
CA SER A 418 -3.16 -19.10 -43.09
C SER A 418 -2.17 -20.26 -43.19
N GLN A 419 -0.94 -20.07 -42.72
CA GLN A 419 0.04 -21.15 -42.66
C GLN A 419 -0.22 -22.10 -41.49
N GLY A 420 -1.07 -21.72 -40.53
CA GLY A 420 -1.18 -22.48 -39.31
C GLY A 420 0.02 -22.34 -38.40
N ALA A 421 0.78 -21.27 -38.55
CA ALA A 421 2.00 -21.06 -37.79
C ALA A 421 1.82 -20.11 -36.61
N GLY A 422 0.62 -19.60 -36.39
CA GLY A 422 0.41 -18.69 -35.28
C GLY A 422 -1.00 -18.15 -35.27
N GLU A 423 -1.31 -17.41 -34.20
CA GLU A 423 -2.61 -16.80 -33.98
C GLU A 423 -2.50 -15.76 -32.87
N PRO A 424 -3.36 -14.74 -32.85
CA PRO A 424 -3.34 -13.77 -31.75
C PRO A 424 -3.61 -14.43 -30.40
N LYS A 425 -3.09 -13.82 -29.35
CA LYS A 425 -3.13 -14.42 -28.01
C LYS A 425 -3.00 -13.32 -26.97
N THR A 426 -3.82 -13.41 -25.92
CA THR A 426 -3.75 -12.50 -24.78
C THR A 426 -3.10 -13.21 -23.61
N GLN A 427 -2.18 -12.50 -22.94
CA GLN A 427 -1.42 -13.05 -21.83
C GLN A 427 -1.42 -12.08 -20.66
N TYR A 428 -1.10 -12.61 -19.48
CA TYR A 428 -1.01 -11.83 -18.26
C TYR A 428 0.25 -12.23 -17.51
N ARG A 429 0.98 -11.23 -16.99
CA ARG A 429 2.08 -11.53 -16.08
C ARG A 429 1.59 -12.07 -14.75
N LEU A 430 0.35 -11.77 -14.38
CA LEU A 430 -0.18 -12.16 -13.08
C LEU A 430 -0.11 -13.67 -12.88
N ARG A 431 0.47 -14.07 -11.76
CA ARG A 431 0.48 -15.46 -11.33
C ARG A 431 -0.65 -15.71 -10.35
N ASP A 432 -1.01 -16.98 -10.19
CA ASP A 432 -1.99 -17.33 -9.18
C ASP A 432 -1.42 -17.12 -7.78
N TRP A 433 -2.30 -16.88 -6.82
CA TRP A 433 -1.91 -16.44 -5.49
C TRP A 433 -1.71 -17.67 -4.60
N GLY A 434 -0.45 -17.95 -4.28
CA GLY A 434 -0.14 -19.04 -3.36
C GLY A 434 -0.32 -18.62 -1.92
N ILE A 435 -1.12 -19.38 -1.17
CA ILE A 435 -1.48 -19.01 0.19
C ILE A 435 -0.95 -19.99 1.24
N SER A 436 -0.35 -21.10 0.82
CA SER A 436 0.19 -22.05 1.78
C SER A 436 1.43 -21.47 2.44
N ARG A 437 1.45 -21.50 3.77
CA ARG A 437 2.60 -21.08 4.56
C ARG A 437 2.98 -22.20 5.51
N GLN A 438 4.26 -22.56 5.52
CA GLN A 438 4.77 -23.57 6.44
C GLN A 438 5.14 -22.91 7.78
N ARG A 439 4.12 -22.30 8.38
CA ARG A 439 4.27 -21.54 9.61
C ARG A 439 3.16 -21.92 10.58
N TYR A 440 3.40 -21.68 11.86
CA TYR A 440 2.42 -22.00 12.89
C TYR A 440 1.43 -20.86 13.11
N TRP A 441 1.94 -19.66 13.43
CA TRP A 441 1.09 -18.55 13.86
C TRP A 441 0.35 -17.96 12.66
N GLY A 442 -0.65 -18.72 12.22
CA GLY A 442 -1.47 -18.32 11.08
C GLY A 442 -2.77 -19.08 11.09
N CYS A 443 -3.68 -18.64 10.22
CA CYS A 443 -4.99 -19.25 10.12
C CYS A 443 -4.89 -20.67 9.58
N PRO A 444 -5.38 -21.68 10.28
CA PRO A 444 -5.34 -23.04 9.75
C PRO A 444 -6.13 -23.16 8.45
N ILE A 445 -5.62 -23.97 7.54
CA ILE A 445 -6.28 -24.23 6.26
C ILE A 445 -7.34 -25.32 6.49
N PRO A 446 -8.61 -25.05 6.22
CA PRO A 446 -9.69 -25.98 6.59
C PRO A 446 -9.82 -27.15 5.62
N ILE A 447 -8.77 -27.96 5.55
CA ILE A 447 -8.73 -29.13 4.67
C ILE A 447 -8.36 -30.35 5.50
N VAL A 448 -9.05 -31.46 5.26
CA VAL A 448 -8.75 -32.74 5.88
C VAL A 448 -8.31 -33.71 4.79
N HIS A 449 -7.19 -34.38 5.01
CA HIS A 449 -6.63 -35.32 4.05
C HIS A 449 -7.05 -36.74 4.41
N CYS A 450 -7.81 -37.37 3.52
CA CYS A 450 -8.25 -38.75 3.68
C CYS A 450 -7.81 -39.57 2.48
N GLU A 451 -7.24 -40.74 2.74
CA GLU A 451 -6.73 -41.58 1.65
C GLU A 451 -7.86 -42.18 0.82
N LYS A 452 -9.10 -42.17 1.31
CA LYS A 452 -10.24 -42.61 0.54
C LYS A 452 -10.96 -41.48 -0.16
N CYS A 453 -11.18 -40.35 0.52
CA CYS A 453 -11.95 -39.24 -0.04
C CYS A 453 -11.10 -38.14 -0.65
N GLY A 454 -9.80 -38.09 -0.32
CA GLY A 454 -8.93 -37.07 -0.88
C GLY A 454 -8.78 -35.85 0.02
N ASN A 455 -8.48 -34.70 -0.56
CA ASN A 455 -8.46 -33.43 0.17
C ASN A 455 -9.89 -32.96 0.34
N VAL A 456 -10.37 -32.90 1.58
CA VAL A 456 -11.77 -32.69 1.88
C VAL A 456 -11.90 -31.38 2.65
N PRO A 457 -12.80 -30.48 2.25
CA PRO A 457 -13.01 -29.26 3.05
C PRO A 457 -13.76 -29.58 4.34
N VAL A 458 -13.41 -28.85 5.38
CA VAL A 458 -14.11 -29.00 6.67
C VAL A 458 -15.53 -28.46 6.52
N PRO A 459 -16.56 -29.17 6.97
CA PRO A 459 -17.93 -28.66 6.84
C PRO A 459 -18.12 -27.35 7.59
N ALA A 460 -19.11 -26.58 7.15
CA ALA A 460 -19.37 -25.27 7.74
C ALA A 460 -19.75 -25.40 9.21
N ASP A 461 -20.47 -26.47 9.57
CA ASP A 461 -20.84 -26.67 10.96
C ASP A 461 -19.62 -26.82 11.86
N GLN A 462 -18.53 -27.37 11.32
CA GLN A 462 -17.34 -27.67 12.11
C GLN A 462 -16.32 -26.54 12.13
N LEU A 463 -16.55 -25.47 11.39
CA LEU A 463 -15.65 -24.34 11.44
C LEU A 463 -15.88 -23.54 12.73
N PRO A 464 -14.83 -22.91 13.28
CA PRO A 464 -13.46 -22.88 12.76
C PRO A 464 -12.61 -24.09 13.10
N VAL A 465 -11.58 -24.34 12.29
CA VAL A 465 -10.47 -25.20 12.69
C VAL A 465 -9.58 -24.37 13.59
N VAL A 466 -9.70 -24.55 14.90
CA VAL A 466 -9.05 -23.66 15.85
C VAL A 466 -7.56 -23.94 15.89
N LEU A 467 -6.75 -22.91 15.70
CA LEU A 467 -5.33 -23.01 15.93
C LEU A 467 -5.07 -23.08 17.43
N PRO A 468 -4.42 -24.13 17.93
CA PRO A 468 -4.12 -24.19 19.37
C PRO A 468 -3.14 -23.09 19.76
N GLU A 469 -3.54 -22.28 20.75
CA GLU A 469 -2.69 -21.19 21.21
C GLU A 469 -1.63 -21.65 22.21
N ASN A 470 -1.78 -22.84 22.78
CA ASN A 470 -0.82 -23.37 23.74
C ASN A 470 0.35 -24.02 22.99
N VAL A 471 1.13 -23.18 22.32
CA VAL A 471 2.25 -23.61 21.51
C VAL A 471 3.39 -22.61 21.67
N VAL A 472 4.60 -23.12 21.80
CA VAL A 472 5.81 -22.30 21.77
C VAL A 472 6.72 -22.86 20.67
N PRO A 473 6.78 -22.22 19.51
CA PRO A 473 7.61 -22.74 18.41
C PRO A 473 9.08 -22.77 18.79
N ASP A 474 9.75 -23.85 18.42
CA ASP A 474 11.13 -24.09 18.83
C ASP A 474 12.16 -23.87 17.72
N GLY A 475 11.71 -23.64 16.48
CA GLY A 475 12.63 -23.47 15.38
C GLY A 475 13.16 -24.75 14.78
N MET A 476 12.59 -25.89 15.13
CA MET A 476 12.98 -27.16 14.53
C MET A 476 11.86 -27.68 13.64
N GLY A 477 11.30 -26.81 12.81
CA GLY A 477 10.20 -27.14 11.94
C GLY A 477 8.91 -26.49 12.42
N SER A 478 7.91 -26.54 11.55
CA SER A 478 6.61 -25.99 11.86
C SER A 478 5.96 -26.80 12.98
N PRO A 479 5.53 -26.17 14.07
CA PRO A 479 4.98 -26.94 15.21
C PRO A 479 3.79 -27.82 14.85
N LEU A 480 2.88 -27.33 14.01
CA LEU A 480 1.66 -28.08 13.72
C LEU A 480 1.97 -29.44 13.09
N ALA A 481 3.02 -29.51 12.27
CA ALA A 481 3.41 -30.78 11.67
C ALA A 481 3.91 -31.78 12.70
N LYS A 482 4.28 -31.32 13.90
CA LYS A 482 4.80 -32.18 14.95
C LYS A 482 3.80 -32.34 16.10
N MET A 483 2.52 -32.09 15.85
CA MET A 483 1.48 -32.13 16.89
C MET A 483 0.36 -33.06 16.44
N PRO A 484 0.50 -34.37 16.70
CA PRO A 484 -0.59 -35.30 16.34
C PRO A 484 -1.90 -34.98 17.04
N GLU A 485 -1.86 -34.37 18.23
CA GLU A 485 -3.09 -33.98 18.89
C GLU A 485 -3.90 -33.00 18.05
N PHE A 486 -3.26 -32.27 17.15
CA PHE A 486 -3.95 -31.34 16.27
C PHE A 486 -4.34 -31.97 14.94
N TYR A 487 -3.39 -32.60 14.24
CA TYR A 487 -3.66 -33.03 12.87
C TYR A 487 -4.36 -34.38 12.78
N GLU A 488 -4.16 -35.28 13.75
CA GLU A 488 -4.86 -36.56 13.71
C GLU A 488 -6.34 -36.34 13.96
N THR A 489 -7.17 -36.73 12.98
CA THR A 489 -8.61 -36.50 13.06
C THR A 489 -9.32 -37.60 12.29
N SER A 490 -10.64 -37.47 12.19
CA SER A 490 -11.47 -38.35 11.38
C SER A 490 -11.98 -37.59 10.16
N CYS A 491 -12.15 -38.31 9.07
CA CYS A 491 -12.60 -37.68 7.84
C CYS A 491 -14.06 -37.25 7.97
N PRO A 492 -14.39 -36.01 7.63
CA PRO A 492 -15.80 -35.59 7.72
C PRO A 492 -16.71 -36.19 6.66
N CYS A 493 -16.15 -36.90 5.67
CA CYS A 493 -16.95 -37.53 4.64
C CYS A 493 -17.25 -39.00 4.94
N CYS A 494 -16.26 -39.73 5.42
CA CYS A 494 -16.42 -41.16 5.67
C CYS A 494 -16.13 -41.58 7.10
N GLY A 495 -15.68 -40.67 7.96
CA GLY A 495 -15.39 -41.01 9.34
C GLY A 495 -14.12 -41.79 9.57
N GLY A 496 -13.35 -42.08 8.52
CA GLY A 496 -12.13 -42.84 8.66
C GLY A 496 -10.97 -42.02 9.18
N ALA A 497 -9.85 -42.70 9.40
CA ALA A 497 -8.64 -42.04 9.88
C ALA A 497 -8.15 -41.03 8.85
N ALA A 498 -7.86 -39.82 9.31
CA ALA A 498 -7.48 -38.74 8.41
C ALA A 498 -6.56 -37.78 9.16
N LYS A 499 -6.03 -36.80 8.41
CA LYS A 499 -5.12 -35.82 8.96
C LYS A 499 -5.49 -34.43 8.45
N ARG A 500 -5.48 -33.45 9.36
CA ARG A 500 -5.70 -32.07 8.98
C ARG A 500 -4.52 -31.53 8.19
N GLU A 501 -4.79 -30.54 7.36
CA GLU A 501 -3.72 -29.75 6.78
C GLU A 501 -2.99 -29.01 7.88
N THR A 502 -1.66 -29.00 7.81
CA THR A 502 -0.84 -28.34 8.82
C THR A 502 -0.24 -27.02 8.35
N ASP A 503 -0.28 -26.73 7.06
CA ASP A 503 0.10 -25.41 6.58
C ASP A 503 -0.98 -24.39 6.95
N THR A 504 -0.55 -23.17 7.21
CA THR A 504 -1.44 -22.07 7.53
C THR A 504 -1.52 -21.10 6.36
N MET A 505 -2.46 -20.16 6.46
CA MET A 505 -2.73 -19.26 5.36
C MET A 505 -1.77 -18.08 5.34
N ASP A 506 -1.47 -17.62 4.12
CA ASP A 506 -0.83 -16.32 3.93
C ASP A 506 -1.58 -15.26 4.72
N THR A 507 -0.86 -14.53 5.57
CA THR A 507 -1.50 -13.54 6.43
C THR A 507 -2.04 -12.34 5.65
N PHE A 508 -1.71 -12.22 4.36
CA PHE A 508 -2.40 -11.25 3.52
C PHE A 508 -3.88 -11.53 3.40
N ILE A 509 -4.32 -12.75 3.73
CA ILE A 509 -5.73 -13.10 3.61
C ILE A 509 -6.57 -12.36 4.62
N GLU A 510 -6.10 -12.26 5.87
CA GLU A 510 -6.86 -11.54 6.89
C GLU A 510 -7.06 -10.08 6.51
N SER A 511 -6.03 -9.43 5.98
CA SER A 511 -6.12 -8.03 5.60
C SER A 511 -6.81 -7.82 4.27
N SER A 512 -7.28 -8.88 3.62
CA SER A 512 -7.99 -8.76 2.34
C SER A 512 -9.49 -8.58 2.53
N TRP A 513 -10.01 -8.71 3.76
CA TRP A 513 -11.44 -8.55 3.96
C TRP A 513 -11.79 -7.93 5.31
N TYR A 514 -10.82 -7.47 6.09
CA TYR A 514 -11.11 -6.96 7.44
C TYR A 514 -11.98 -5.71 7.39
N PHE A 515 -11.88 -4.93 6.31
CA PHE A 515 -12.70 -3.72 6.19
C PHE A 515 -14.18 -4.06 6.07
N PHE A 516 -14.53 -5.27 5.63
CA PHE A 516 -15.92 -5.69 5.65
C PHE A 516 -16.33 -6.19 7.04
N ARG A 517 -15.41 -6.87 7.73
CA ARG A 517 -15.73 -7.39 9.06
C ARG A 517 -16.01 -6.26 10.04
N TYR A 518 -15.36 -5.11 9.86
CA TYR A 518 -15.62 -3.95 10.72
C TYR A 518 -17.10 -3.55 10.70
N MET A 519 -17.80 -3.84 9.61
CA MET A 519 -19.19 -3.42 9.48
C MET A 519 -20.10 -4.19 10.43
N SER A 520 -19.75 -5.44 10.74
CA SER A 520 -20.51 -6.26 11.70
C SER A 520 -19.56 -7.24 12.37
N PRO A 521 -18.69 -6.75 13.27
CA PRO A 521 -17.60 -7.58 13.79
C PRO A 521 -18.03 -8.67 14.76
N LYS A 522 -19.29 -8.66 15.21
CA LYS A 522 -19.80 -9.71 16.08
C LYS A 522 -20.86 -10.56 15.39
N PHE A 523 -21.03 -10.41 14.09
CA PHE A 523 -21.98 -11.22 13.33
C PHE A 523 -21.50 -12.67 13.30
N SER A 524 -22.37 -13.58 13.72
CA SER A 524 -22.00 -14.99 13.88
C SER A 524 -22.55 -15.89 12.79
N ASP A 525 -23.21 -15.35 11.78
CA ASP A 525 -23.82 -16.16 10.74
C ASP A 525 -23.26 -15.86 9.34
N GLY A 526 -22.17 -15.12 9.25
CA GLY A 526 -21.58 -14.83 7.95
C GLY A 526 -20.36 -13.96 8.12
N MET A 527 -19.66 -13.74 6.99
CA MET A 527 -18.50 -12.86 7.00
C MET A 527 -18.89 -11.45 7.42
N VAL A 528 -20.01 -10.95 6.90
CA VAL A 528 -20.54 -9.64 7.25
C VAL A 528 -22.04 -9.67 7.01
N SER A 529 -22.79 -9.09 7.94
CA SER A 529 -24.25 -9.11 7.83
C SER A 529 -24.70 -8.29 6.63
N ALA A 530 -25.81 -8.74 6.02
CA ALA A 530 -26.31 -8.07 4.82
C ALA A 530 -26.78 -6.66 5.11
N GLU A 531 -27.35 -6.44 6.30
CA GLU A 531 -27.82 -5.09 6.65
C GLU A 531 -26.66 -4.12 6.77
N SER A 532 -25.59 -4.52 7.45
CA SER A 532 -24.45 -3.63 7.66
C SER A 532 -23.72 -3.36 6.35
N ALA A 533 -23.54 -4.39 5.52
CA ALA A 533 -22.86 -4.20 4.25
C ALA A 533 -23.65 -3.27 3.33
N LYS A 534 -24.97 -3.40 3.33
CA LYS A 534 -25.81 -2.54 2.49
C LYS A 534 -25.70 -1.08 2.93
N TYR A 535 -25.60 -0.84 4.24
CA TYR A 535 -25.53 0.53 4.74
C TYR A 535 -24.17 1.16 4.46
N TRP A 536 -23.09 0.52 4.94
CA TRP A 536 -21.77 1.12 4.85
C TRP A 536 -21.19 1.05 3.45
N GLY A 537 -21.69 0.16 2.60
CA GLY A 537 -21.21 0.06 1.23
C GLY A 537 -19.73 -0.24 1.12
N ALA A 538 -18.94 0.76 0.73
CA ALA A 538 -17.50 0.61 0.59
C ALA A 538 -16.78 1.63 1.47
N VAL A 539 -15.47 1.49 1.56
CA VAL A 539 -14.65 2.44 2.31
C VAL A 539 -14.56 3.73 1.50
N ASP A 540 -14.90 4.85 2.13
CA ASP A 540 -14.84 6.14 1.46
C ASP A 540 -13.41 6.66 1.39
N GLN A 541 -12.61 6.42 2.43
CA GLN A 541 -11.26 6.93 2.51
C GLN A 541 -10.35 5.87 3.13
N TYR A 542 -9.30 5.50 2.39
CA TYR A 542 -8.31 4.53 2.85
C TYR A 542 -6.96 5.23 2.96
N ILE A 543 -6.29 5.05 4.10
CA ILE A 543 -5.02 5.69 4.37
C ILE A 543 -4.01 4.62 4.77
N GLY A 544 -2.88 4.57 4.08
CA GLY A 544 -1.86 3.59 4.38
C GLY A 544 -0.57 3.94 3.67
N GLY A 545 0.45 3.07 3.88
CA GLY A 545 1.75 3.27 3.30
C GLY A 545 1.86 2.76 1.87
N ILE A 546 2.83 3.31 1.14
CA ILE A 546 3.02 2.95 -0.26
C ILE A 546 3.47 1.51 -0.44
N GLU A 547 4.07 0.91 0.60
CA GLU A 547 4.56 -0.47 0.49
C GLU A 547 3.45 -1.48 0.26
N HIS A 548 2.18 -1.07 0.41
CA HIS A 548 1.05 -1.96 0.18
C HIS A 548 0.29 -1.57 -1.09
N ALA A 549 0.89 -0.78 -1.97
CA ALA A 549 0.19 -0.29 -3.15
C ALA A 549 -0.11 -1.40 -4.15
N ILE A 550 0.57 -2.54 -4.08
CA ILE A 550 0.42 -3.58 -5.08
C ILE A 550 -0.29 -4.79 -4.49
N LEU A 551 0.39 -5.54 -3.63
CA LEU A 551 -0.12 -6.84 -3.21
C LEU A 551 -1.37 -6.72 -2.35
N HIS A 552 -1.29 -5.93 -1.27
CA HIS A 552 -2.43 -5.82 -0.36
C HIS A 552 -3.66 -5.30 -1.07
N LEU A 553 -3.51 -4.19 -1.81
CA LEU A 553 -4.67 -3.60 -2.47
C LEU A 553 -5.25 -4.55 -3.51
N LEU A 554 -4.41 -5.22 -4.29
CA LEU A 554 -4.89 -6.18 -5.26
C LEU A 554 -5.64 -7.32 -4.59
N TYR A 555 -5.07 -7.85 -3.50
CA TYR A 555 -5.75 -8.91 -2.76
C TYR A 555 -7.08 -8.43 -2.20
N ALA A 556 -7.12 -7.19 -1.70
CA ALA A 556 -8.36 -6.65 -1.15
C ALA A 556 -9.41 -6.47 -2.23
N ARG A 557 -9.00 -5.93 -3.39
CA ARG A 557 -9.94 -5.81 -4.51
C ARG A 557 -10.37 -7.18 -5.02
N PHE A 558 -9.48 -8.18 -4.96
CA PHE A 558 -9.83 -9.53 -5.37
C PHE A 558 -10.85 -10.15 -4.43
N PHE A 559 -10.60 -10.06 -3.12
CA PHE A 559 -11.55 -10.59 -2.14
C PHE A 559 -12.90 -9.88 -2.21
N THR A 560 -12.90 -8.57 -2.50
CA THR A 560 -14.16 -7.85 -2.63
C THR A 560 -15.01 -8.41 -3.76
N LYS A 561 -14.39 -8.71 -4.90
CA LYS A 561 -15.14 -9.27 -6.02
C LYS A 561 -15.54 -10.71 -5.76
N LEU A 562 -14.72 -11.47 -5.01
CA LEU A 562 -15.13 -12.81 -4.61
C LEU A 562 -16.33 -12.76 -3.68
N MET A 563 -16.27 -11.90 -2.67
CA MET A 563 -17.40 -11.78 -1.74
C MET A 563 -18.64 -11.22 -2.42
N ARG A 564 -18.46 -10.33 -3.40
CA ARG A 564 -19.60 -9.86 -4.19
C ARG A 564 -20.24 -11.01 -4.96
N ASP A 565 -19.43 -11.87 -5.58
CA ASP A 565 -19.98 -12.98 -6.34
C ASP A 565 -20.65 -14.00 -5.45
N GLU A 566 -20.25 -14.09 -4.18
CA GLU A 566 -20.96 -14.94 -3.22
C GLU A 566 -22.22 -14.30 -2.69
N GLY A 567 -22.52 -13.05 -3.08
CA GLY A 567 -23.71 -12.38 -2.61
C GLY A 567 -23.61 -11.78 -1.23
N LEU A 568 -22.39 -11.62 -0.70
CA LEU A 568 -22.21 -11.08 0.63
C LEU A 568 -22.12 -9.55 0.65
N VAL A 569 -21.56 -8.95 -0.40
CA VAL A 569 -21.43 -7.50 -0.50
C VAL A 569 -21.96 -7.05 -1.86
N ASN A 570 -22.15 -5.74 -2.00
CA ASN A 570 -22.78 -5.16 -3.17
C ASN A 570 -21.89 -4.21 -3.95
N VAL A 571 -20.61 -4.14 -3.62
CA VAL A 571 -19.70 -3.19 -4.25
C VAL A 571 -18.69 -3.95 -5.11
N ASP A 572 -18.22 -3.29 -6.16
CA ASP A 572 -17.17 -3.83 -7.01
C ASP A 572 -15.78 -3.50 -6.49
N GLU A 573 -15.65 -2.40 -5.75
CA GLU A 573 -14.35 -1.93 -5.29
C GLU A 573 -14.41 -1.58 -3.81
N PRO A 574 -13.42 -1.98 -3.03
CA PRO A 574 -13.46 -1.76 -1.58
C PRO A 574 -13.15 -0.32 -1.16
N PHE A 575 -12.24 0.35 -1.86
CA PHE A 575 -11.71 1.63 -1.43
C PHE A 575 -11.99 2.69 -2.49
N GLU A 576 -12.76 3.71 -2.12
CA GLU A 576 -13.06 4.81 -3.05
C GLU A 576 -11.87 5.75 -3.18
N ARG A 577 -11.53 6.47 -2.11
CA ARG A 577 -10.38 7.35 -2.09
CA ARG A 577 -10.38 7.35 -2.09
C ARG A 577 -9.20 6.67 -1.40
N LEU A 578 -8.00 6.96 -1.89
CA LEU A 578 -6.78 6.37 -1.38
C LEU A 578 -5.74 7.44 -1.11
N LEU A 579 -5.23 7.47 0.12
CA LEU A 579 -4.19 8.40 0.52
C LEU A 579 -3.00 7.59 1.02
N THR A 580 -1.86 7.73 0.36
CA THR A 580 -0.64 7.05 0.74
C THR A 580 0.29 8.06 1.42
N GLN A 581 0.51 7.88 2.72
CA GLN A 581 1.31 8.82 3.51
C GLN A 581 2.79 8.46 3.44
N GLY A 582 3.62 9.49 3.62
CA GLY A 582 5.06 9.31 3.48
C GLY A 582 5.72 8.70 4.69
N MET A 583 6.96 8.29 4.51
CA MET A 583 7.74 7.68 5.57
C MET A 583 8.21 8.75 6.57
N VAL A 584 8.71 8.29 7.71
CA VAL A 584 9.24 9.14 8.76
C VAL A 584 10.74 8.85 8.87
N VAL A 585 11.56 9.87 8.67
CA VAL A 585 13.01 9.71 8.65
C VAL A 585 13.60 10.41 9.87
N CYS A 586 14.82 10.01 10.23
CA CYS A 586 15.49 10.61 11.38
C CYS A 586 17.00 10.51 11.18
N GLU A 587 17.70 11.45 11.83
CA GLU A 587 19.15 11.44 11.85
C GLU A 587 19.67 10.16 12.49
N THR A 588 20.87 9.74 12.08
CA THR A 588 21.51 8.57 12.64
C THR A 588 22.81 8.98 13.33
N TYR A 589 23.19 8.22 14.35
CA TYR A 589 24.38 8.47 15.14
C TYR A 589 25.14 7.17 15.31
N TYR A 590 26.46 7.22 15.16
CA TYR A 590 27.27 6.01 15.24
C TYR A 590 28.59 6.29 15.94
N ARG A 591 29.25 5.21 16.33
CA ARG A 591 30.60 5.22 16.87
C ARG A 591 31.39 4.12 16.18
N GLU A 592 32.64 4.42 15.84
CA GLU A 592 33.44 3.43 15.12
C GLU A 592 33.80 2.26 16.03
N ASN A 593 34.01 1.10 15.42
CA ASN A 593 34.10 -0.16 16.14
C ASN A 593 35.54 -0.61 16.33
N ASP A 594 35.71 -1.59 17.22
CA ASP A 594 37.00 -2.25 17.37
C ASP A 594 37.41 -2.97 16.10
N LYS A 595 36.44 -3.59 15.42
CA LYS A 595 36.69 -4.43 14.26
C LYS A 595 36.53 -3.69 12.94
N GLY A 596 36.54 -2.37 12.96
CA GLY A 596 36.41 -1.61 11.73
C GLY A 596 34.99 -1.41 11.25
N GLY A 597 34.00 -1.54 12.12
CA GLY A 597 32.62 -1.28 11.79
C GLY A 597 32.10 -0.03 12.47
N LYS A 598 30.77 0.05 12.58
CA LYS A 598 30.12 1.18 13.23
C LYS A 598 29.02 0.68 14.17
N ASP A 599 28.96 1.28 15.35
CA ASP A 599 27.91 1.01 16.32
C ASP A 599 26.89 2.15 16.29
N TRP A 600 25.67 1.85 15.87
CA TRP A 600 24.65 2.86 15.71
C TRP A 600 23.92 3.12 17.03
N ILE A 601 23.77 4.39 17.38
CA ILE A 601 23.22 4.82 18.66
C ILE A 601 21.84 5.42 18.43
N ASN A 602 20.92 5.17 19.37
CA ASN A 602 19.58 5.73 19.28
C ASN A 602 19.62 7.23 19.52
N PRO A 603 18.81 8.01 18.81
CA PRO A 603 18.84 9.47 19.00
C PRO A 603 18.47 9.92 20.40
N ALA A 604 17.54 9.22 21.06
CA ALA A 604 17.11 9.64 22.39
C ALA A 604 18.24 9.58 23.40
N ASP A 605 19.23 8.70 23.17
CA ASP A 605 20.40 8.59 24.02
C ASP A 605 21.51 9.55 23.62
N VAL A 606 21.18 10.62 22.89
CA VAL A 606 22.16 11.59 22.43
C VAL A 606 21.65 12.98 22.77
N GLU A 607 22.59 13.87 23.12
CA GLU A 607 22.31 15.28 23.34
C GLU A 607 23.22 16.13 22.47
N LEU A 608 22.65 17.14 21.83
CA LEU A 608 23.40 17.97 20.89
C LEU A 608 24.18 19.05 21.64
N THR A 609 24.98 19.79 20.88
CA THR A 609 25.75 20.90 21.43
C THR A 609 25.99 21.98 20.38
N SER A 618 28.29 19.31 17.54
CA SER A 618 28.64 17.92 17.84
C SER A 618 27.46 17.22 18.52
N ALA A 619 27.72 16.05 19.09
CA ALA A 619 26.69 15.27 19.74
C ALA A 619 27.33 14.34 20.77
N VAL A 620 26.70 14.23 21.95
CA VAL A 620 27.19 13.39 23.03
C VAL A 620 26.01 12.65 23.65
N LEU A 621 26.33 11.60 24.40
CA LEU A 621 25.30 10.83 25.08
C LEU A 621 24.69 11.63 26.22
N LYS A 622 23.39 11.43 26.44
CA LYS A 622 22.67 12.15 27.48
C LYS A 622 22.89 11.57 28.87
N ALA A 623 23.54 10.41 28.98
CA ALA A 623 23.88 9.81 30.26
C ALA A 623 25.37 9.83 30.55
N ASP A 624 26.19 9.56 29.54
CA ASP A 624 27.65 9.62 29.69
C ASP A 624 28.16 11.02 29.39
N GLY A 625 29.20 11.13 28.56
CA GLY A 625 29.76 12.42 28.23
C GLY A 625 30.67 12.45 27.02
N LEU A 626 30.93 11.28 26.44
CA LEU A 626 31.79 11.18 25.27
C LEU A 626 31.01 11.50 24.00
N PRO A 627 31.70 11.91 22.93
CA PRO A 627 31.00 12.30 21.71
C PRO A 627 30.86 11.19 20.69
N VAL A 628 29.78 11.27 19.92
CA VAL A 628 29.49 10.31 18.86
C VAL A 628 29.51 11.03 17.52
N VAL A 629 29.29 10.28 16.44
CA VAL A 629 29.37 10.82 15.08
C VAL A 629 27.96 11.04 14.55
N ILE A 630 27.69 12.25 14.09
CA ILE A 630 26.41 12.58 13.48
C ILE A 630 26.42 12.12 12.02
N SER A 631 25.46 11.28 11.66
CA SER A 631 25.47 10.63 10.35
C SER A 631 24.22 10.97 9.53
N GLY A 632 23.94 10.16 8.51
CA GLY A 632 22.90 10.50 7.57
C GLY A 632 21.50 10.29 8.13
N THR A 633 20.54 10.89 7.43
CA THR A 633 19.12 10.80 7.77
C THR A 633 18.45 9.77 6.88
N GLU A 634 17.62 8.92 7.48
CA GLU A 634 16.91 7.90 6.73
C GLU A 634 15.72 7.40 7.54
N LYS A 635 14.92 6.56 6.91
CA LYS A 635 13.72 5.99 7.51
C LYS A 635 14.03 5.40 8.88
N MET A 636 13.15 5.68 9.85
CA MET A 636 13.31 5.15 11.19
C MET A 636 13.24 3.63 11.18
N SER A 637 14.31 2.97 11.63
CA SER A 637 14.34 1.52 11.65
C SER A 637 15.35 1.06 12.70
N LYS A 638 15.23 -0.20 13.07
CA LYS A 638 16.19 -0.82 13.99
C LYS A 638 17.52 -1.14 13.29
N SER A 639 17.58 -1.01 11.97
CA SER A 639 18.82 -1.28 11.25
C SER A 639 19.93 -0.35 11.72
N LYS A 640 19.72 0.96 11.62
CA LYS A 640 20.68 1.94 12.09
C LYS A 640 20.28 2.57 13.42
N ASN A 641 19.34 1.94 14.14
CA ASN A 641 18.99 2.29 15.51
C ASN A 641 18.66 3.78 15.63
N ASN A 642 17.66 4.19 14.85
CA ASN A 642 17.28 5.60 14.79
C ASN A 642 15.78 5.81 14.95
N GLY A 643 15.07 4.86 15.57
CA GLY A 643 13.65 4.99 15.78
C GLY A 643 13.31 5.82 17.00
N VAL A 644 12.61 6.93 16.80
CA VAL A 644 12.16 7.76 17.92
C VAL A 644 10.85 7.19 18.46
N ASP A 645 10.82 6.92 19.75
CA ASP A 645 9.62 6.35 20.36
C ASP A 645 8.54 7.41 20.49
N PRO A 646 7.38 7.23 19.87
CA PRO A 646 6.30 8.23 20.02
C PRO A 646 5.78 8.33 21.44
N GLN A 647 5.96 7.29 22.27
CA GLN A 647 5.48 7.36 23.65
C GLN A 647 6.26 8.40 24.45
N GLU A 648 7.58 8.48 24.24
CA GLU A 648 8.36 9.51 24.91
C GLU A 648 7.96 10.90 24.44
N LEU A 649 7.56 11.02 23.17
CA LEU A 649 7.07 12.31 22.67
C LEU A 649 5.75 12.68 23.33
N ILE A 650 4.86 11.70 23.50
CA ILE A 650 3.59 11.95 24.17
C ILE A 650 3.82 12.27 25.64
N ASN A 651 4.74 11.55 26.29
CA ASN A 651 5.02 11.80 27.70
C ASN A 651 5.59 13.20 27.92
N ALA A 652 6.38 13.69 26.97
CA ALA A 652 7.06 14.97 27.13
C ALA A 652 6.19 16.17 26.77
N TYR A 653 5.25 16.02 25.84
CA TYR A 653 4.50 17.15 25.31
C TYR A 653 3.00 16.95 25.22
N GLY A 654 2.50 15.73 25.35
CA GLY A 654 1.08 15.48 25.17
C GLY A 654 0.75 15.05 23.75
N ALA A 655 -0.48 14.54 23.59
CA ALA A 655 -0.89 13.98 22.31
C ALA A 655 -1.07 15.06 21.25
N ASP A 656 -1.59 16.23 21.65
CA ASP A 656 -1.86 17.28 20.68
C ASP A 656 -0.58 17.77 20.02
N THR A 657 0.50 17.93 20.80
CA THR A 657 1.77 18.33 20.21
C THR A 657 2.26 17.28 19.22
N ALA A 658 2.14 16.00 19.55
CA ALA A 658 2.52 14.95 18.62
C ALA A 658 1.69 15.02 17.34
N ARG A 659 0.36 15.08 17.49
CA ARG A 659 -0.51 15.18 16.32
C ARG A 659 -0.19 16.41 15.49
N LEU A 660 0.01 17.56 16.14
CA LEU A 660 0.22 18.81 15.41
C LEU A 660 1.53 18.80 14.64
N PHE A 661 2.61 18.33 15.27
CA PHE A 661 3.90 18.31 14.60
C PHE A 661 3.87 17.45 13.34
N MET A 662 3.26 16.28 13.42
CA MET A 662 3.22 15.38 12.27
C MET A 662 2.40 15.96 11.12
N MET A 663 1.34 16.70 11.43
CA MET A 663 0.52 17.28 10.38
C MET A 663 1.12 18.55 9.81
N PHE A 664 1.91 19.28 10.61
CA PHE A 664 2.48 20.54 10.16
C PHE A 664 3.83 20.39 9.48
N ALA A 665 4.59 19.35 9.85
CA ALA A 665 5.98 19.25 9.39
C ALA A 665 6.06 19.10 7.87
N ALA A 666 5.14 18.35 7.27
CA ALA A 666 5.22 18.06 5.84
C ALA A 666 3.83 17.68 5.35
N PRO A 667 3.56 17.83 4.05
CA PRO A 667 2.35 17.26 3.49
C PRO A 667 2.34 15.76 3.70
N PRO A 668 1.16 15.15 3.78
CA PRO A 668 1.09 13.73 4.17
C PRO A 668 1.86 12.79 3.25
N GLU A 669 1.91 13.07 1.95
CA GLU A 669 2.66 12.21 1.05
C GLU A 669 4.17 12.42 1.12
N GLN A 670 4.60 13.58 1.60
CA GLN A 670 6.03 13.91 1.65
CA GLN A 670 6.03 13.89 1.65
C GLN A 670 6.69 13.27 2.87
N SER A 671 7.97 12.97 2.75
CA SER A 671 8.73 12.43 3.86
C SER A 671 8.77 13.44 5.00
N LEU A 672 8.64 12.93 6.22
CA LEU A 672 8.62 13.76 7.42
C LEU A 672 9.91 13.54 8.20
N GLU A 673 10.70 14.60 8.34
CA GLU A 673 11.95 14.53 9.07
C GLU A 673 11.71 14.86 10.53
N TRP A 674 12.23 14.00 11.42
CA TRP A 674 12.12 14.27 12.85
C TRP A 674 12.92 15.51 13.21
N SER A 675 12.29 16.42 13.96
CA SER A 675 12.90 17.69 14.32
C SER A 675 12.56 18.01 15.76
N ASP A 676 13.57 18.03 16.63
CA ASP A 676 13.34 18.44 18.02
C ASP A 676 12.83 19.88 18.09
N SER A 677 13.43 20.77 17.31
CA SER A 677 12.94 22.15 17.27
C SER A 677 11.55 22.24 16.66
N GLY A 678 11.25 21.38 15.69
CA GLY A 678 9.92 21.36 15.11
C GLY A 678 8.86 20.94 16.11
N VAL A 679 9.18 19.95 16.94
CA VAL A 679 8.26 19.55 18.01
C VAL A 679 8.04 20.69 18.97
N GLU A 680 9.11 21.41 19.33
CA GLU A 680 8.98 22.55 20.23
C GLU A 680 8.14 23.66 19.59
N GLY A 681 8.30 23.87 18.28
CA GLY A 681 7.47 24.85 17.61
C GLY A 681 6.00 24.49 17.63
N ALA A 682 5.69 23.20 17.50
CA ALA A 682 4.30 22.75 17.59
C ALA A 682 3.74 22.98 18.99
N HIS A 683 4.54 22.69 20.02
CA HIS A 683 4.08 22.89 21.39
C HIS A 683 3.94 24.37 21.71
N ARG A 684 4.86 25.20 21.19
CA ARG A 684 4.77 26.64 21.43
C ARG A 684 3.53 27.23 20.78
N PHE A 685 3.13 26.72 19.61
CA PHE A 685 1.90 27.22 18.99
C PHE A 685 0.67 26.83 19.81
N LEU A 686 0.67 25.63 20.38
CA LEU A 686 -0.45 25.23 21.23
C LEU A 686 -0.52 26.08 22.49
N ARG A 687 0.63 26.52 23.01
CA ARG A 687 0.63 27.46 24.12
C ARG A 687 0.11 28.82 23.68
N ARG A 688 0.50 29.26 22.48
CA ARG A 688 -0.02 30.52 21.95
C ARG A 688 -1.53 30.49 21.80
N LEU A 689 -2.06 29.38 21.26
CA LEU A 689 -3.50 29.24 21.12
C LEU A 689 -4.18 29.28 22.48
N TRP A 690 -3.59 28.63 23.48
CA TRP A 690 -4.16 28.67 24.84
C TRP A 690 -4.13 30.08 25.40
N ARG A 691 -3.00 30.78 25.25
CA ARG A 691 -2.89 32.13 25.79
C ARG A 691 -3.82 33.09 25.07
N THR A 692 -4.02 32.91 23.76
CA THR A 692 -4.90 33.80 23.01
C THR A 692 -6.33 33.73 23.55
N VAL A 693 -6.82 32.53 23.86
CA VAL A 693 -8.17 32.38 24.39
C VAL A 693 -8.24 32.89 25.82
N TYR A 694 -7.24 32.55 26.63
CA TYR A 694 -7.22 32.99 28.03
C TYR A 694 -7.21 34.50 28.13
N GLU A 695 -6.35 35.17 27.34
CA GLU A 695 -6.27 36.62 27.40
C GLU A 695 -7.58 37.26 26.91
N TYR A 696 -8.21 36.67 25.90
CA TYR A 696 -9.48 37.19 25.41
C TYR A 696 -10.55 37.11 26.49
N LEU A 697 -10.60 35.99 27.21
CA LEU A 697 -11.64 35.82 28.23
C LEU A 697 -11.33 36.61 29.49
N LYS A 698 -10.05 36.84 29.76
CA LYS A 698 -9.65 37.63 30.92
C LYS A 698 -9.99 39.11 30.76
N GLN A 699 -10.35 39.54 29.55
CA GLN A 699 -10.65 40.94 29.27
C GLN A 699 -12.13 41.19 29.06
N GLY A 700 -13.01 40.33 29.60
CA GLY A 700 -14.43 40.58 29.53
C GLY A 700 -15.31 39.37 29.32
N GLY A 701 -14.71 38.18 29.26
CA GLY A 701 -15.47 36.96 29.10
C GLY A 701 -16.08 36.83 27.71
N ALA A 702 -16.80 35.73 27.53
CA ALA A 702 -17.37 35.41 26.22
C ALA A 702 -18.56 36.31 25.92
N VAL A 703 -18.76 36.57 24.62
CA VAL A 703 -19.91 37.30 24.12
C VAL A 703 -20.51 36.51 22.97
N LYS A 704 -21.65 36.99 22.46
CA LYS A 704 -22.24 36.40 21.28
C LYS A 704 -21.33 36.66 20.08
N ALA A 705 -20.98 35.58 19.37
CA ALA A 705 -20.12 35.73 18.19
C ALA A 705 -20.82 36.57 17.14
N PHE A 706 -20.04 37.39 16.44
CA PHE A 706 -20.60 38.26 15.41
C PHE A 706 -21.24 37.43 14.30
N ALA A 707 -22.39 37.90 13.85
CA ALA A 707 -23.15 37.23 12.80
C ALA A 707 -24.08 38.23 12.15
N GLY A 708 -24.17 38.16 10.84
CA GLY A 708 -25.12 38.88 10.04
C GLY A 708 -24.49 40.00 9.24
N ASN A 709 -25.31 41.02 8.99
CA ASN A 709 -24.89 42.16 8.16
C ASN A 709 -23.73 42.89 8.82
N GLN A 710 -22.62 43.00 8.09
CA GLN A 710 -21.44 43.66 8.61
C GLN A 710 -21.30 45.10 8.11
N ASP A 711 -22.33 45.63 7.44
CA ASP A 711 -22.36 47.06 7.17
C ASP A 711 -22.28 47.83 8.49
N GLY A 712 -21.36 48.78 8.56
CA GLY A 712 -21.15 49.55 9.76
C GLY A 712 -19.97 49.10 10.60
N LEU A 713 -19.45 47.90 10.36
CA LEU A 713 -18.20 47.49 10.98
C LEU A 713 -17.06 48.35 10.45
N SER A 714 -16.04 48.55 11.27
CA SER A 714 -14.88 49.32 10.86
C SER A 714 -14.13 48.57 9.75
N LYS A 715 -13.25 49.31 9.07
CA LYS A 715 -12.45 48.69 8.01
C LYS A 715 -11.55 47.60 8.56
N GLU A 716 -11.00 47.81 9.76
CA GLU A 716 -10.11 46.82 10.35
C GLU A 716 -10.86 45.54 10.69
N LEU A 717 -12.06 45.66 11.26
CA LEU A 717 -12.82 44.48 11.65
C LEU A 717 -13.42 43.78 10.43
N LYS A 718 -13.77 44.55 9.38
CA LYS A 718 -14.17 43.92 8.13
C LYS A 718 -13.01 43.13 7.53
N ASP A 719 -11.79 43.66 7.64
CA ASP A 719 -10.63 42.93 7.12
C ASP A 719 -10.35 41.68 7.93
N LEU A 720 -10.68 41.68 9.23
CA LEU A 720 -10.48 40.49 10.03
C LEU A 720 -11.53 39.43 9.71
N ARG A 721 -12.78 39.85 9.46
CA ARG A 721 -13.80 38.90 9.05
C ARG A 721 -13.50 38.32 7.68
N HIS A 722 -12.92 39.13 6.78
CA HIS A 722 -12.53 38.62 5.46
C HIS A 722 -11.47 37.55 5.60
N LYS A 723 -10.42 37.83 6.37
CA LYS A 723 -9.38 36.83 6.61
C LYS A 723 -9.95 35.60 7.31
N LEU A 724 -10.94 35.79 8.18
CA LEU A 724 -11.55 34.68 8.90
C LEU A 724 -12.25 33.72 7.95
N HIS A 725 -13.20 34.23 7.18
CA HIS A 725 -14.00 33.35 6.32
C HIS A 725 -13.25 32.91 5.07
N SER A 726 -12.16 33.58 4.70
CA SER A 726 -11.28 33.04 3.68
C SER A 726 -10.40 31.93 4.24
N THR A 727 -10.03 32.02 5.52
CA THR A 727 -9.33 30.93 6.17
C THR A 727 -10.22 29.69 6.28
N THR A 728 -11.49 29.89 6.64
CA THR A 728 -12.42 28.76 6.70
C THR A 728 -12.56 28.08 5.35
N ALA A 729 -12.67 28.87 4.28
CA ALA A 729 -12.76 28.29 2.94
C ALA A 729 -11.49 27.54 2.57
N LYS A 730 -10.33 28.14 2.86
CA LYS A 730 -9.06 27.49 2.56
C LYS A 730 -8.90 26.20 3.34
N VAL A 731 -9.23 26.23 4.64
CA VAL A 731 -9.05 25.04 5.48
C VAL A 731 -9.99 23.93 5.05
N SER A 732 -11.27 24.28 4.80
CA SER A 732 -12.22 23.28 4.31
C SER A 732 -11.74 22.64 3.01
N ASP A 733 -11.17 23.45 2.12
CA ASP A 733 -10.67 22.90 0.86
C ASP A 733 -9.38 22.12 1.07
N ASP A 734 -8.64 22.42 2.14
CA ASP A 734 -7.44 21.65 2.44
C ASP A 734 -7.78 20.31 3.08
N TYR A 735 -8.81 20.26 3.91
CA TYR A 735 -9.20 19.00 4.53
C TYR A 735 -9.95 18.11 3.55
N GLY A 736 -10.91 18.68 2.84
CA GLY A 736 -11.82 17.88 2.02
C GLY A 736 -11.29 17.50 0.65
N ARG A 737 -10.64 18.44 -0.04
CA ARG A 737 -10.20 18.21 -1.41
C ARG A 737 -8.71 17.90 -1.51
N ARG A 738 -7.86 18.85 -1.13
CA ARG A 738 -6.43 18.70 -1.36
C ARG A 738 -5.76 17.76 -0.36
N GLN A 739 -6.36 17.58 0.81
CA GLN A 739 -5.80 16.70 1.85
C GLN A 739 -4.36 17.09 2.19
N GLN A 740 -4.13 18.40 2.27
CA GLN A 740 -2.84 18.98 2.67
C GLN A 740 -3.07 19.70 3.99
N PHE A 741 -2.71 19.05 5.09
CA PHE A 741 -3.06 19.57 6.41
C PHE A 741 -2.06 20.59 6.93
N ASN A 742 -0.82 20.58 6.44
CA ASN A 742 0.16 21.55 6.90
C ASN A 742 -0.21 22.96 6.47
N THR A 743 -0.69 23.12 5.23
CA THR A 743 -1.11 24.44 4.77
C THR A 743 -2.37 24.91 5.48
N ALA A 744 -3.20 23.98 5.95
CA ALA A 744 -4.37 24.36 6.74
C ALA A 744 -3.96 24.93 8.09
N ILE A 745 -2.92 24.35 8.70
CA ILE A 745 -2.41 24.88 9.96
C ILE A 745 -1.83 26.27 9.76
N ALA A 746 -1.06 26.46 8.70
CA ALA A 746 -0.48 27.77 8.43
C ALA A 746 -1.55 28.82 8.17
N ALA A 747 -2.67 28.42 7.56
CA ALA A 747 -3.76 29.37 7.31
C ALA A 747 -4.38 29.84 8.61
N VAL A 748 -4.58 28.93 9.57
CA VAL A 748 -5.09 29.33 10.88
C VAL A 748 -4.07 30.20 11.59
N MET A 749 -2.77 29.91 11.41
CA MET A 749 -1.72 30.74 11.99
C MET A 749 -1.77 32.16 11.42
N GLU A 750 -1.99 32.29 10.11
CA GLU A 750 -2.13 33.62 9.52
C GLU A 750 -3.36 34.35 10.03
N LEU A 751 -4.45 33.62 10.27
CA LEU A 751 -5.64 34.23 10.87
C LEU A 751 -5.33 34.75 12.27
N LEU A 752 -4.65 33.95 13.08
CA LEU A 752 -4.27 34.40 14.43
C LEU A 752 -3.29 35.57 14.37
N ASN A 753 -2.46 35.63 13.34
CA ASN A 753 -1.54 36.76 13.20
C ASN A 753 -2.31 38.06 12.95
N GLN A 754 -3.26 38.05 12.03
CA GLN A 754 -4.05 39.26 11.76
C GLN A 754 -4.90 39.63 12.96
N TYR A 755 -5.45 38.64 13.66
CA TYR A 755 -6.18 38.91 14.89
C TYR A 755 -5.29 39.62 15.91
N ASP A 756 -4.02 39.18 16.03
CA ASP A 756 -3.11 39.81 16.97
C ASP A 756 -2.84 41.26 16.62
N LYS A 757 -2.90 41.61 15.33
CA LYS A 757 -2.65 42.97 14.88
C LYS A 757 -3.91 43.82 14.82
N THR A 758 -5.06 43.26 15.16
CA THR A 758 -6.34 43.96 15.07
C THR A 758 -6.81 44.34 16.48
N ASP A 759 -7.27 45.59 16.63
CA ASP A 759 -7.83 46.07 17.88
C ASP A 759 -9.25 45.54 18.00
N THR A 760 -9.47 44.61 18.93
CA THR A 760 -10.79 44.02 19.18
C THR A 760 -11.35 44.45 20.52
N GLY A 761 -10.98 45.63 21.00
CA GLY A 761 -11.42 46.07 22.32
C GLY A 761 -12.85 46.57 22.36
N SER A 762 -13.35 47.09 21.24
CA SER A 762 -14.68 47.66 21.22
C SER A 762 -15.74 46.57 21.35
N GLU A 763 -17.00 47.01 21.50
CA GLU A 763 -18.10 46.06 21.61
C GLU A 763 -18.22 45.20 20.34
N GLN A 764 -18.16 45.84 19.17
CA GLN A 764 -18.18 45.08 17.93
C GLN A 764 -16.86 44.32 17.73
N GLY A 765 -15.77 44.83 18.28
CA GLY A 765 -14.50 44.12 18.19
C GLY A 765 -14.51 42.83 18.99
N ARG A 766 -15.13 42.85 20.17
CA ARG A 766 -15.27 41.62 20.96
C ARG A 766 -16.11 40.59 20.22
N ALA A 767 -17.19 41.05 19.58
CA ALA A 767 -18.06 40.12 18.85
C ALA A 767 -17.31 39.48 17.68
N VAL A 768 -16.47 40.24 16.99
CA VAL A 768 -15.67 39.68 15.91
C VAL A 768 -14.61 38.75 16.48
N ALA A 769 -13.99 39.14 17.60
CA ALA A 769 -12.98 38.29 18.22
C ALA A 769 -13.56 36.95 18.65
N GLN A 770 -14.77 36.97 19.23
CA GLN A 770 -15.44 35.71 19.56
C GLN A 770 -15.66 34.86 18.33
N GLU A 771 -16.04 35.48 17.21
CA GLU A 771 -16.25 34.75 15.97
C GLU A 771 -14.94 34.15 15.47
N VAL A 772 -13.84 34.90 15.60
CA VAL A 772 -12.55 34.39 15.14
C VAL A 772 -12.14 33.16 15.95
N LEU A 773 -12.21 33.26 17.27
CA LEU A 773 -11.72 32.17 18.13
C LEU A 773 -12.64 30.96 18.05
N GLU A 774 -13.95 31.17 17.99
CA GLU A 774 -14.88 30.04 17.85
C GLU A 774 -14.64 29.28 16.56
N ALA A 775 -14.26 29.97 15.48
CA ALA A 775 -13.95 29.28 14.24
C ALA A 775 -12.56 28.64 14.29
N ALA A 776 -11.58 29.33 14.88
CA ALA A 776 -10.21 28.82 14.89
C ALA A 776 -10.11 27.49 15.64
N VAL A 777 -10.82 27.37 16.76
CA VAL A 777 -10.74 26.13 17.53
C VAL A 777 -11.48 25.00 16.82
N ARG A 778 -12.52 25.31 16.06
CA ARG A 778 -13.20 24.28 15.31
C ARG A 778 -12.45 23.90 14.04
N LEU A 779 -11.75 24.86 13.42
CA LEU A 779 -10.92 24.54 12.27
C LEU A 779 -9.73 23.65 12.66
N LEU A 780 -9.23 23.80 13.89
CA LEU A 780 -8.10 23.01 14.37
C LEU A 780 -8.53 21.77 15.15
N TRP A 781 -9.82 21.63 15.44
CA TRP A 781 -10.29 20.47 16.20
C TRP A 781 -9.94 19.12 15.57
N PRO A 782 -10.03 18.92 14.24
CA PRO A 782 -9.60 17.63 13.69
C PRO A 782 -8.14 17.31 13.93
N ILE A 783 -7.27 18.32 14.03
CA ILE A 783 -5.84 18.08 14.20
C ILE A 783 -5.48 17.97 15.68
N VAL A 784 -5.92 18.92 16.49
CA VAL A 784 -5.61 18.92 17.91
C VAL A 784 -6.90 18.98 18.71
N PRO A 785 -7.64 17.88 18.82
CA PRO A 785 -8.99 17.95 19.40
C PRO A 785 -9.02 18.22 20.89
N HIS A 786 -7.99 17.82 21.64
CA HIS A 786 -8.04 17.97 23.09
C HIS A 786 -8.06 19.43 23.51
N ILE A 787 -7.10 20.23 23.01
CA ILE A 787 -7.05 21.63 23.39
C ILE A 787 -8.21 22.41 22.79
N CYS A 788 -8.64 22.04 21.58
CA CYS A 788 -9.75 22.74 20.96
C CYS A 788 -11.06 22.44 21.67
N GLU A 789 -11.26 21.19 22.09
CA GLU A 789 -12.44 20.84 22.89
C GLU A 789 -12.46 21.64 24.19
N THR A 790 -11.30 21.77 24.84
CA THR A 790 -11.24 22.49 26.10
C THR A 790 -11.42 23.99 25.89
N LEU A 791 -10.74 24.56 24.89
CA LEU A 791 -10.87 26.00 24.62
C LEU A 791 -12.28 26.36 24.16
N TRP A 792 -12.91 25.47 23.38
CA TRP A 792 -14.27 25.75 22.93
C TRP A 792 -15.24 25.83 24.10
N SER A 793 -15.07 24.96 25.10
CA SER A 793 -15.98 24.97 26.24
C SER A 793 -15.88 26.25 27.05
N GLU A 794 -14.73 26.90 27.03
CA GLU A 794 -14.58 28.19 27.70
C GLU A 794 -15.18 29.34 26.89
N LEU A 795 -15.37 29.15 25.58
CA LEU A 795 -15.90 30.18 24.71
C LEU A 795 -17.39 30.06 24.46
N ASN A 796 -17.93 28.84 24.40
CA ASN A 796 -19.32 28.63 24.03
C ASN A 796 -19.85 27.42 24.80
N GLY A 797 -21.14 27.46 25.10
CA GLY A 797 -21.77 26.43 25.89
C GLY A 797 -22.26 25.24 25.09
N ALA A 798 -22.54 25.43 23.81
CA ALA A 798 -23.04 24.35 22.97
C ALA A 798 -21.98 23.27 22.80
N LYS A 799 -22.45 22.07 22.44
CA LYS A 799 -21.53 20.99 22.09
C LYS A 799 -20.81 21.32 20.79
N LEU A 800 -19.49 21.14 20.78
CA LEU A 800 -18.70 21.51 19.61
C LEU A 800 -19.15 20.74 18.38
N TRP A 801 -19.35 19.42 18.52
CA TRP A 801 -19.72 18.61 17.38
C TRP A 801 -21.14 18.89 16.89
N GLU A 802 -21.97 19.53 17.70
CA GLU A 802 -23.28 19.96 17.25
C GLU A 802 -23.26 21.36 16.65
N ALA A 803 -22.28 22.18 17.04
CA ALA A 803 -22.08 23.47 16.37
C ALA A 803 -21.58 23.27 14.95
N GLY A 804 -20.90 22.15 14.69
CA GLY A 804 -20.57 21.76 13.34
C GLY A 804 -19.40 22.55 12.75
N TRP A 805 -18.99 22.11 11.58
CA TRP A 805 -17.91 22.77 10.86
C TRP A 805 -18.29 24.21 10.57
N PRO A 806 -17.36 25.16 10.70
CA PRO A 806 -17.69 26.57 10.48
C PRO A 806 -18.16 26.81 9.05
N THR A 807 -19.17 27.67 8.92
CA THR A 807 -19.69 28.06 7.62
C THR A 807 -18.93 29.28 7.11
N VAL A 808 -18.83 29.39 5.79
CA VAL A 808 -18.24 30.56 5.15
C VAL A 808 -19.32 31.60 4.94
N ASP A 809 -19.08 32.81 5.44
CA ASP A 809 -19.97 33.94 5.20
C ASP A 809 -19.57 34.58 3.88
N GLU A 810 -20.41 34.41 2.86
CA GLU A 810 -20.11 34.98 1.56
C GLU A 810 -20.03 36.50 1.62
N ALA A 811 -20.89 37.13 2.42
CA ALA A 811 -20.89 38.59 2.52
C ALA A 811 -19.59 39.12 3.11
N ALA A 812 -18.90 38.30 3.91
CA ALA A 812 -17.63 38.72 4.48
C ALA A 812 -16.52 38.82 3.43
N LEU A 813 -16.71 38.20 2.26
CA LEU A 813 -15.70 38.20 1.21
C LEU A 813 -15.93 39.26 0.15
N VAL A 814 -17.09 39.89 0.12
CA VAL A 814 -17.35 40.95 -0.86
C VAL A 814 -16.66 42.22 -0.39
N LYS A 815 -16.12 42.98 -1.35
CA LYS A 815 -15.41 44.22 -1.06
C LYS A 815 -16.27 45.41 -1.46
N SER A 816 -16.24 46.45 -0.63
CA SER A 816 -17.07 47.62 -0.85
C SER A 816 -16.54 48.44 -2.02
N GLU A 817 -17.38 48.66 -3.02
CA GLU A 817 -17.01 49.46 -4.18
C GLU A 817 -17.12 50.94 -3.86
N ILE A 818 -16.72 51.78 -4.82
CA ILE A 818 -16.82 53.22 -4.69
C ILE A 818 -17.12 53.82 -6.06
N GLU A 819 -18.33 53.58 -6.56
CA GLU A 819 -18.71 54.02 -7.90
C GLU A 819 -18.72 55.54 -8.00
N VAL A 820 -17.73 56.10 -8.67
CA VAL A 820 -17.58 57.54 -8.82
C VAL A 820 -17.70 57.90 -10.30
N MET A 821 -18.15 59.12 -10.57
CA MET A 821 -18.30 59.63 -11.92
C MET A 821 -17.11 60.51 -12.28
N VAL A 822 -16.80 60.58 -13.57
CA VAL A 822 -15.65 61.32 -14.06
C VAL A 822 -16.10 62.32 -15.12
N GLN A 823 -15.43 63.47 -15.16
CA GLN A 823 -15.72 64.48 -16.17
C GLN A 823 -14.49 65.35 -16.36
N VAL A 824 -14.19 65.66 -17.61
CA VAL A 824 -13.07 66.53 -17.98
C VAL A 824 -13.65 67.78 -18.63
N ASN A 825 -13.31 68.94 -18.08
CA ASN A 825 -13.79 70.24 -18.57
C ASN A 825 -15.31 70.36 -18.46
N GLY A 826 -15.91 69.64 -17.53
CA GLY A 826 -17.32 69.78 -17.22
C GLY A 826 -18.23 68.75 -17.85
N LYS A 827 -17.73 67.94 -18.78
CA LYS A 827 -18.56 66.96 -19.45
C LYS A 827 -18.35 65.56 -18.90
N LEU A 843 -8.36 58.08 -5.58
CA LEU A 843 -9.30 58.17 -6.71
C LEU A 843 -8.65 58.85 -7.91
N GLU A 844 -7.74 59.78 -7.63
CA GLU A 844 -7.04 60.47 -8.71
C GLU A 844 -6.15 59.50 -9.50
N ALA A 845 -5.63 58.46 -8.84
CA ALA A 845 -4.93 57.40 -9.54
C ALA A 845 -5.86 56.47 -10.30
N ALA A 846 -7.12 56.34 -9.87
CA ALA A 846 -8.10 55.57 -10.63
C ALA A 846 -8.49 56.31 -11.91
N ALA A 847 -8.65 57.63 -11.83
CA ALA A 847 -8.88 58.42 -13.03
C ALA A 847 -7.65 58.45 -13.92
N LEU A 848 -6.46 58.28 -13.35
CA LEU A 848 -5.26 58.09 -14.15
C LEU A 848 -5.31 56.76 -14.90
N ALA A 849 -5.91 55.73 -14.29
CA ALA A 849 -6.19 54.49 -15.01
C ALA A 849 -7.35 54.66 -15.99
N ASN A 850 -8.24 55.61 -15.74
CA ASN A 850 -9.36 55.87 -16.64
C ASN A 850 -8.87 56.47 -17.95
#